data_9KU4
#
_entry.id   9KU4
#
_cell.length_a   1.00
_cell.length_b   1.00
_cell.length_c   1.00
_cell.angle_alpha   90.00
_cell.angle_beta   90.00
_cell.angle_gamma   90.00
#
_symmetry.space_group_name_H-M   'P 1'
#
loop_
_entity.id
_entity.type
_entity.pdbx_description
1 polymer 'Antiviral innate immune response receptor RIG-I'
2 polymer 'RNA (60-MER)'
3 non-polymer 'ZINC ION'
#
loop_
_entity_poly.entity_id
_entity_poly.type
_entity_poly.pdbx_seq_one_letter_code
_entity_poly.pdbx_strand_id
1 'polypeptide(L)'
;MTTEQRRSLQAFQDYIRKTLDPTYILSYMAPWFREEEVQYIQAEKNNKGPMEAATLFLKFLLELQEEGWFRGFLDALDHA
GYSGLYEAIESWDFKKIEKLEEYRLLLKRLQPEFKTRIIPTDIISDLSECLINQECEEILQICSTKGMMAGAEKLVECLL
RSDKENWPKTLKLALEKERNKFSELWIVEKGIKDVETEDLEDKMETSDIQIFYQEDPECQNLSENSCPPSEVSDTNLYSP
FKPRNYQLELALPAMKGKNTIICAPTGCGKTFVSLLICEHHLKKFPQGQKGKVVFFANQIPVYEQQKSVFSKYFERHGYR
VTGISGATAENVPVEQIVENNDIIILTPQILVNNLKKGTIPSLSIFTLMIFDACHNTSKQHPYNMIMFNYLDQKLGGSSG
PLPQVIGLTASVGVGDAKNTDEALDYICKLCASLDASVIATVKHNLEELEQVVYKPQKFFRKVESRISDKFKYIIAQLMR
DTESLAKRICKDLENLSQIQNREFGTQKYEQWIVTVQKACMVFQMPDKDEESRICKALFLYTSHLRKYNDALIISEHARM
KDALDYLKDFFSNVRAAGFDEIEQDLTQRFEEKLQELESVSRDPSNENPKLEDLCFILQEEYHLNPETITILFVKTRALV
DALKNWIEGNPKLSFLKPGILTGRGKTNQNTGMTLPAQKCILDAFKASGDHNILIATSVADEGIDIAQCNLVILYEYVGN
VIKMIQTRGRGRARGSKCFLLTSNAGVIEKEQINMYKEKMMNDSILRLQTWDEAVFREKILHIQTHEKFIRDSQEKPKPV
PDKENKKLLCRKCKALACYTADVRVIEECHYTVLGDAFKECFVSRPHPKPKQFSSFEKRAKIFCARQNCSHDWGIHVKYK
TFEIPVIKIESFVVEDIATGVQTLYSKWKDFHFEKIPFDPAEMSK
;
B
2 'polyribonucleotide' GGGACGCUGACCCAGAAGAUCUACUAGAAAUAGUAGAUCUUCUGGGUCAGCGUCCCUUUU C
#
loop_
_chem_comp.id
_chem_comp.type
_chem_comp.name
_chem_comp.formula
A RNA linking ADENOSINE-5'-MONOPHOSPHATE 'C10 H14 N5 O7 P'
C RNA linking CYTIDINE-5'-MONOPHOSPHATE 'C9 H14 N3 O8 P'
G RNA linking GUANOSINE-5'-MONOPHOSPHATE 'C10 H14 N5 O8 P'
U RNA linking URIDINE-5'-MONOPHOSPHATE 'C9 H13 N2 O9 P'
ZN non-polymer 'ZINC ION' 'Zn 2'
#
# COMPACT_ATOMS: atom_id res chain seq x y z
N PRO A 240 -35.87 6.58 -16.86
CA PRO A 240 -34.62 7.19 -16.38
C PRO A 240 -34.75 7.77 -14.98
N PHE A 241 -33.65 7.83 -14.25
CA PHE A 241 -33.66 8.37 -12.90
C PHE A 241 -33.85 9.88 -12.94
N LYS A 242 -34.61 10.40 -11.98
CA LYS A 242 -34.83 11.84 -11.89
C LYS A 242 -33.69 12.50 -11.12
N PRO A 243 -32.99 13.46 -11.71
CA PRO A 243 -31.91 14.14 -10.97
C PRO A 243 -32.47 14.98 -9.83
N ARG A 244 -31.69 15.06 -8.75
CA ARG A 244 -32.04 15.90 -7.62
C ARG A 244 -31.57 17.33 -7.84
N ASN A 245 -32.07 18.24 -6.98
CA ASN A 245 -31.73 19.65 -7.13
C ASN A 245 -30.24 19.90 -6.91
N TYR A 246 -29.66 19.28 -5.88
CA TYR A 246 -28.26 19.53 -5.59
C TYR A 246 -27.35 18.91 -6.66
N GLN A 247 -27.77 17.81 -7.28
CA GLN A 247 -26.99 17.25 -8.39
C GLN A 247 -26.93 18.22 -9.56
N LEU A 248 -28.07 18.84 -9.90
CA LEU A 248 -28.07 19.85 -10.95
C LEU A 248 -27.25 21.07 -10.55
N GLU A 249 -27.31 21.46 -9.28
CA GLU A 249 -26.49 22.57 -8.81
C GLU A 249 -25.00 22.27 -8.95
N LEU A 250 -24.61 21.03 -8.63
CA LEU A 250 -23.21 20.63 -8.78
C LEU A 250 -22.79 20.59 -10.25
N ALA A 251 -23.68 20.11 -11.12
CA ALA A 251 -23.33 19.94 -12.53
C ALA A 251 -23.42 21.23 -13.33
N LEU A 252 -24.07 22.27 -12.79
CA LEU A 252 -24.24 23.52 -13.55
C LEU A 252 -22.93 24.14 -14.02
N PRO A 253 -21.89 24.31 -13.19
CA PRO A 253 -20.65 24.93 -13.70
C PRO A 253 -20.00 24.14 -14.82
N ALA A 254 -20.08 22.81 -14.80
CA ALA A 254 -19.45 22.01 -15.85
C ALA A 254 -20.19 22.09 -17.17
N MET A 255 -21.52 22.25 -17.13
CA MET A 255 -22.31 22.35 -18.35
C MET A 255 -22.06 23.63 -19.12
N LYS A 256 -21.36 24.60 -18.52
CA LYS A 256 -20.98 25.83 -19.22
C LYS A 256 -19.61 25.74 -19.88
N GLY A 257 -18.96 24.59 -19.83
CA GLY A 257 -17.67 24.41 -20.45
C GLY A 257 -16.47 24.80 -19.62
N LYS A 258 -16.63 24.90 -18.30
CA LYS A 258 -15.54 25.27 -17.41
C LYS A 258 -14.89 24.05 -16.80
N ASN A 259 -13.58 24.15 -16.55
CA ASN A 259 -12.85 23.12 -15.82
C ASN A 259 -13.10 23.31 -14.33
N THR A 260 -13.83 22.38 -13.71
CA THR A 260 -14.23 22.52 -12.32
C THR A 260 -13.84 21.28 -11.54
N ILE A 261 -13.68 21.46 -10.23
CA ILE A 261 -13.50 20.35 -9.29
C ILE A 261 -14.78 20.24 -8.47
N ILE A 262 -15.37 19.05 -8.45
CA ILE A 262 -16.64 18.82 -7.78
C ILE A 262 -16.35 18.14 -6.45
N CYS A 263 -16.64 18.85 -5.35
CA CYS A 263 -16.42 18.34 -4.00
C CYS A 263 -17.79 18.09 -3.36
N ALA A 264 -18.03 16.85 -2.95
CA ALA A 264 -19.31 16.46 -2.39
C ALA A 264 -19.11 15.21 -1.54
N PRO A 265 -19.93 15.01 -0.51
CA PRO A 265 -19.73 13.84 0.35
C PRO A 265 -19.94 12.53 -0.39
N THR A 266 -19.23 11.51 0.08
CA THR A 266 -19.33 10.17 -0.49
C THR A 266 -20.72 9.60 -0.24
N GLY A 267 -21.34 9.05 -1.28
CA GLY A 267 -22.68 8.52 -1.20
C GLY A 267 -23.78 9.43 -1.69
N CYS A 268 -23.43 10.62 -2.19
CA CYS A 268 -24.42 11.55 -2.71
C CYS A 268 -24.70 11.35 -4.19
N GLY A 269 -23.94 10.50 -4.88
CA GLY A 269 -24.19 10.21 -6.27
C GLY A 269 -23.44 11.09 -7.25
N LYS A 270 -22.12 11.18 -7.10
CA LYS A 270 -21.31 11.92 -8.06
C LYS A 270 -21.22 11.23 -9.42
N THR A 271 -21.39 9.91 -9.44
CA THR A 271 -21.40 9.19 -10.71
C THR A 271 -22.55 9.64 -11.60
N PHE A 272 -23.73 9.86 -11.01
CA PHE A 272 -24.85 10.36 -11.78
C PHE A 272 -24.58 11.78 -12.28
N VAL A 273 -23.88 12.59 -11.49
CA VAL A 273 -23.51 13.93 -11.94
C VAL A 273 -22.59 13.83 -13.16
N SER A 274 -21.60 12.94 -13.10
CA SER A 274 -20.73 12.74 -14.25
C SER A 274 -21.51 12.24 -15.47
N LEU A 275 -22.50 11.38 -15.24
CA LEU A 275 -23.34 10.90 -16.33
C LEU A 275 -24.12 12.04 -16.98
N LEU A 276 -24.68 12.93 -16.16
CA LEU A 276 -25.41 14.08 -16.71
C LEU A 276 -24.47 14.99 -17.49
N ILE A 277 -23.27 15.23 -16.96
CA ILE A 277 -22.31 16.08 -17.66
C ILE A 277 -21.92 15.47 -18.99
N CYS A 278 -21.67 14.15 -19.01
CA CYS A 278 -21.31 13.47 -20.25
C CYS A 278 -22.46 13.52 -21.26
N GLU A 279 -23.70 13.31 -20.80
CA GLU A 279 -24.84 13.36 -21.70
C GLU A 279 -25.01 14.75 -22.31
N HIS A 280 -24.87 15.79 -21.49
CA HIS A 280 -24.98 17.15 -22.01
C HIS A 280 -23.86 17.47 -22.98
N HIS A 281 -22.64 16.98 -22.70
CA HIS A 281 -21.49 17.31 -23.53
C HIS A 281 -21.59 16.68 -24.91
N LEU A 282 -22.05 15.43 -24.98
CA LEU A 282 -22.08 14.72 -26.26
C LEU A 282 -23.19 15.22 -27.18
N LYS A 283 -24.29 15.74 -26.61
CA LYS A 283 -25.41 16.21 -27.40
C LYS A 283 -25.22 17.62 -27.93
N LYS A 284 -24.21 18.36 -27.46
CA LYS A 284 -24.03 19.74 -27.86
C LYS A 284 -23.33 19.89 -29.21
N PHE A 285 -22.72 18.83 -29.71
CA PHE A 285 -21.96 18.95 -30.96
C PHE A 285 -22.91 19.02 -32.15
N PRO A 286 -22.62 19.87 -33.13
CA PRO A 286 -23.49 19.98 -34.31
C PRO A 286 -23.38 18.75 -35.18
N GLN A 287 -24.30 18.66 -36.15
CA GLN A 287 -24.33 17.54 -37.07
C GLN A 287 -23.03 17.48 -37.87
N GLY A 288 -22.46 16.28 -37.96
CA GLY A 288 -21.18 16.09 -38.61
C GLY A 288 -19.98 16.19 -37.68
N GLN A 289 -20.19 16.36 -36.38
CA GLN A 289 -19.11 16.45 -35.42
C GLN A 289 -19.46 15.57 -34.21
N LYS A 290 -18.42 15.01 -33.59
CA LYS A 290 -18.59 14.10 -32.47
C LYS A 290 -17.63 14.49 -31.36
N GLY A 291 -17.97 14.04 -30.14
CA GLY A 291 -17.12 14.23 -28.98
C GLY A 291 -16.65 12.89 -28.45
N LYS A 292 -15.48 12.90 -27.81
CA LYS A 292 -14.89 11.71 -27.24
C LYS A 292 -14.61 11.95 -25.76
N VAL A 293 -15.03 11.00 -24.92
CA VAL A 293 -14.93 11.13 -23.48
C VAL A 293 -14.07 9.99 -22.94
N VAL A 294 -13.15 10.32 -22.03
CA VAL A 294 -12.30 9.33 -21.37
C VAL A 294 -12.51 9.44 -19.86
N PHE A 295 -12.68 8.31 -19.20
CA PHE A 295 -12.91 8.24 -17.76
C PHE A 295 -11.75 7.49 -17.12
N PHE A 296 -11.21 8.04 -16.04
CA PHE A 296 -10.06 7.47 -15.35
C PHE A 296 -10.48 6.87 -14.02
N ALA A 297 -10.08 5.63 -13.77
CA ALA A 297 -10.31 4.94 -12.50
C ALA A 297 -9.00 4.34 -12.03
N ASN A 298 -8.81 4.30 -10.72
CA ASN A 298 -7.54 3.87 -10.14
C ASN A 298 -7.49 2.40 -9.76
N GLN A 299 -8.64 1.75 -9.60
CA GLN A 299 -8.69 0.35 -9.21
C GLN A 299 -9.52 -0.45 -10.21
N ILE A 300 -9.21 -1.74 -10.30
CA ILE A 300 -9.89 -2.61 -11.26
C ILE A 300 -11.39 -2.73 -10.99
N PRO A 301 -11.85 -3.00 -9.75
CA PRO A 301 -13.30 -3.08 -9.53
C PRO A 301 -14.05 -1.79 -9.86
N VAL A 302 -13.45 -0.64 -9.55
CA VAL A 302 -14.07 0.64 -9.88
C VAL A 302 -14.16 0.79 -11.39
N TYR A 303 -13.11 0.39 -12.12
CA TYR A 303 -13.12 0.46 -13.57
C TYR A 303 -14.22 -0.42 -14.15
N GLU A 304 -14.36 -1.65 -13.63
CA GLU A 304 -15.39 -2.56 -14.12
C GLU A 304 -16.80 -2.01 -13.86
N GLN A 305 -17.03 -1.52 -12.64
CA GLN A 305 -18.35 -0.98 -12.30
C GLN A 305 -18.69 0.24 -13.16
N GLN A 306 -17.72 1.13 -13.36
CA GLN A 306 -17.97 2.32 -14.18
C GLN A 306 -18.24 1.93 -15.62
N LYS A 307 -17.49 0.97 -16.16
CA LYS A 307 -17.75 0.53 -17.53
C LYS A 307 -19.15 -0.05 -17.66
N SER A 308 -19.56 -0.88 -16.69
CA SER A 308 -20.89 -1.46 -16.75
C SER A 308 -21.97 -0.39 -16.69
N VAL A 309 -21.81 0.59 -15.79
CA VAL A 309 -22.82 1.64 -15.64
C VAL A 309 -22.91 2.47 -16.91
N PHE A 310 -21.77 2.87 -17.47
CA PHE A 310 -21.79 3.69 -18.69
C PHE A 310 -22.39 2.92 -19.86
N SER A 311 -22.02 1.64 -20.01
CA SER A 311 -22.57 0.84 -21.10
C SER A 311 -24.09 0.69 -20.97
N LYS A 312 -24.57 0.46 -19.75
CA LYS A 312 -26.02 0.34 -19.55
C LYS A 312 -26.72 1.66 -19.83
N TYR A 313 -26.12 2.78 -19.42
CA TYR A 313 -26.80 4.06 -19.55
C TYR A 313 -26.85 4.54 -21.00
N PHE A 314 -25.73 4.44 -21.73
CA PHE A 314 -25.63 5.08 -23.03
C PHE A 314 -25.92 4.13 -24.20
N GLU A 315 -26.43 2.93 -23.94
CA GLU A 315 -26.72 2.02 -25.04
C GLU A 315 -27.98 2.41 -25.81
N ARG A 316 -28.87 3.18 -25.18
CA ARG A 316 -30.07 3.63 -25.87
C ARG A 316 -29.77 4.74 -26.87
N HIS A 317 -28.76 5.56 -26.60
CA HIS A 317 -28.44 6.69 -27.46
C HIS A 317 -27.65 6.29 -28.70
N GLY A 318 -27.13 5.07 -28.75
CA GLY A 318 -26.33 4.66 -29.89
C GLY A 318 -24.86 5.00 -29.82
N TYR A 319 -24.32 5.17 -28.62
CA TYR A 319 -22.90 5.46 -28.43
C TYR A 319 -22.13 4.19 -28.15
N ARG A 320 -20.89 4.15 -28.64
CA ARG A 320 -20.01 2.99 -28.48
C ARG A 320 -19.16 3.19 -27.23
N VAL A 321 -19.23 2.23 -26.32
CA VAL A 321 -18.54 2.29 -25.03
C VAL A 321 -17.63 1.08 -24.90
N THR A 322 -16.37 1.32 -24.51
CA THR A 322 -15.40 0.26 -24.32
C THR A 322 -14.48 0.63 -23.16
N GLY A 323 -13.62 -0.31 -22.79
CA GLY A 323 -12.68 -0.08 -21.71
C GLY A 323 -11.42 -0.91 -21.90
N ILE A 324 -10.30 -0.34 -21.45
CA ILE A 324 -9.00 -1.01 -21.51
C ILE A 324 -8.35 -0.97 -20.14
N SER A 325 -7.80 -2.09 -19.71
CA SER A 325 -7.07 -2.18 -18.45
C SER A 325 -5.96 -3.21 -18.61
N GLY A 326 -5.37 -3.63 -17.50
CA GLY A 326 -4.26 -4.57 -17.57
C GLY A 326 -4.67 -5.93 -18.12
N ALA A 327 -5.90 -6.36 -17.84
CA ALA A 327 -6.40 -7.64 -18.30
C ALA A 327 -6.91 -7.61 -19.74
N THR A 328 -7.02 -6.42 -20.34
CA THR A 328 -7.50 -6.30 -21.72
C THR A 328 -6.67 -5.31 -22.52
N ALA A 329 -5.35 -5.35 -22.37
CA ALA A 329 -4.45 -4.40 -23.02
C ALA A 329 -3.80 -4.96 -24.28
N GLU A 330 -3.16 -6.11 -24.18
CA GLU A 330 -2.39 -6.68 -25.29
C GLU A 330 -3.24 -7.56 -26.20
N ASN A 331 -4.37 -7.01 -26.66
CA ASN A 331 -5.25 -7.72 -27.59
C ASN A 331 -5.39 -6.98 -28.91
N VAL A 332 -5.77 -5.70 -28.87
CA VAL A 332 -6.01 -4.90 -30.05
C VAL A 332 -5.19 -3.62 -29.90
N PRO A 333 -4.64 -3.06 -30.97
CA PRO A 333 -3.91 -1.78 -30.83
C PRO A 333 -4.77 -0.70 -30.21
N VAL A 334 -4.17 0.06 -29.30
CA VAL A 334 -4.93 1.03 -28.50
C VAL A 334 -5.46 2.15 -29.38
N GLU A 335 -4.69 2.56 -30.39
CA GLU A 335 -5.12 3.67 -31.24
C GLU A 335 -6.42 3.35 -31.97
N GLN A 336 -6.56 2.11 -32.46
CA GLN A 336 -7.79 1.73 -33.15
C GLN A 336 -8.97 1.70 -32.21
N ILE A 337 -8.77 1.20 -30.99
CA ILE A 337 -9.84 1.18 -29.99
C ILE A 337 -10.29 2.60 -29.67
N VAL A 338 -9.34 3.51 -29.49
CA VAL A 338 -9.69 4.90 -29.19
C VAL A 338 -10.42 5.54 -30.36
N GLU A 339 -9.95 5.29 -31.58
CA GLU A 339 -10.56 5.90 -32.76
C GLU A 339 -11.96 5.35 -33.04
N ASN A 340 -12.23 4.09 -32.68
CA ASN A 340 -13.48 3.44 -33.04
C ASN A 340 -14.50 3.46 -31.91
N ASN A 341 -14.38 4.38 -30.96
CA ASN A 341 -15.30 4.41 -29.83
C ASN A 341 -15.56 5.86 -29.42
N ASP A 342 -16.64 6.05 -28.65
CA ASP A 342 -17.05 7.36 -28.18
C ASP A 342 -16.70 7.59 -26.71
N ILE A 343 -16.95 6.62 -25.85
CA ILE A 343 -16.65 6.70 -24.42
C ILE A 343 -15.70 5.57 -24.07
N ILE A 344 -14.58 5.91 -23.45
CA ILE A 344 -13.53 4.94 -23.12
C ILE A 344 -13.23 5.04 -21.62
N ILE A 345 -13.22 3.89 -20.95
CA ILE A 345 -12.84 3.78 -19.55
C ILE A 345 -11.41 3.23 -19.49
N LEU A 346 -10.55 3.87 -18.70
CA LEU A 346 -9.14 3.56 -18.70
C LEU A 346 -8.58 3.55 -17.28
N THR A 347 -7.51 2.79 -17.09
CA THR A 347 -6.58 2.99 -15.98
C THR A 347 -5.47 3.93 -16.41
N PRO A 348 -5.06 4.87 -15.55
CA PRO A 348 -4.14 5.93 -16.00
C PRO A 348 -2.80 5.41 -16.54
N GLN A 349 -2.30 4.30 -16.02
CA GLN A 349 -1.00 3.80 -16.45
C GLN A 349 -1.01 3.36 -17.91
N ILE A 350 -2.14 2.87 -18.41
CA ILE A 350 -2.24 2.51 -19.83
C ILE A 350 -2.02 3.74 -20.70
N LEU A 351 -2.68 4.84 -20.35
CA LEU A 351 -2.51 6.08 -21.10
C LEU A 351 -1.09 6.62 -20.96
N VAL A 352 -0.50 6.51 -19.77
CA VAL A 352 0.89 6.95 -19.59
C VAL A 352 1.82 6.15 -20.51
N ASN A 353 1.63 4.83 -20.55
CA ASN A 353 2.46 3.98 -21.40
C ASN A 353 2.30 4.35 -22.87
N ASN A 354 1.05 4.57 -23.30
CA ASN A 354 0.83 4.85 -24.72
C ASN A 354 1.28 6.25 -25.10
N LEU A 355 1.32 7.18 -24.14
CA LEU A 355 1.88 8.49 -24.42
C LEU A 355 3.40 8.43 -24.47
N LYS A 356 4.01 7.57 -23.66
CA LYS A 356 5.46 7.42 -23.68
C LYS A 356 5.91 6.75 -24.98
N LYS A 357 5.23 5.68 -25.39
CA LYS A 357 5.64 4.97 -26.60
C LYS A 357 5.47 5.84 -27.85
N GLY A 358 4.41 6.66 -27.88
CA GLY A 358 4.07 7.42 -29.06
C GLY A 358 2.85 6.90 -29.79
N THR A 359 2.17 5.88 -29.25
CA THR A 359 0.95 5.39 -29.86
C THR A 359 -0.12 6.47 -29.91
N ILE A 360 -0.29 7.21 -28.82
CA ILE A 360 -1.20 8.35 -28.77
C ILE A 360 -0.37 9.62 -28.78
N PRO A 361 -0.31 10.35 -29.90
CA PRO A 361 0.62 11.48 -29.98
C PRO A 361 0.23 12.68 -29.14
N SER A 362 -1.05 12.85 -28.83
CA SER A 362 -1.49 14.01 -28.07
C SER A 362 -2.84 13.70 -27.44
N LEU A 363 -3.27 14.58 -26.54
CA LEU A 363 -4.54 14.47 -25.86
C LEU A 363 -5.66 15.23 -26.57
N SER A 364 -5.39 15.82 -27.73
CA SER A 364 -6.39 16.59 -28.44
C SER A 364 -7.50 15.72 -29.04
N ILE A 365 -7.32 14.40 -29.05
CA ILE A 365 -8.38 13.52 -29.56
C ILE A 365 -9.60 13.58 -28.67
N PHE A 366 -9.41 13.59 -27.35
CA PHE A 366 -10.52 13.66 -26.43
C PHE A 366 -11.04 15.09 -26.32
N THR A 367 -12.34 15.20 -26.04
CA THR A 367 -12.97 16.48 -25.76
C THR A 367 -13.39 16.65 -24.31
N LEU A 368 -13.30 15.61 -23.49
CA LEU A 368 -13.67 15.69 -22.08
C LEU A 368 -12.92 14.61 -21.31
N MET A 369 -12.25 15.01 -20.24
CA MET A 369 -11.51 14.10 -19.37
C MET A 369 -12.09 14.18 -17.97
N ILE A 370 -12.37 13.02 -17.38
CA ILE A 370 -12.95 12.93 -16.05
C ILE A 370 -12.01 12.13 -15.15
N PHE A 371 -11.60 12.72 -14.04
CA PHE A 371 -10.71 12.09 -13.08
C PHE A 371 -11.52 11.67 -11.86
N ASP A 372 -11.46 10.38 -11.54
CA ASP A 372 -12.10 9.87 -10.32
C ASP A 372 -11.11 9.93 -9.18
N ALA A 373 -11.57 10.42 -8.02
CA ALA A 373 -10.72 10.66 -6.85
C ALA A 373 -9.54 11.57 -7.22
N CYS A 374 -9.91 12.77 -7.66
CA CYS A 374 -8.95 13.71 -8.25
C CYS A 374 -7.98 14.30 -7.23
N HIS A 375 -8.09 13.94 -5.96
CA HIS A 375 -7.14 14.44 -4.96
C HIS A 375 -5.79 13.73 -5.03
N ASN A 376 -5.63 12.74 -5.90
CA ASN A 376 -4.36 12.05 -6.08
C ASN A 376 -3.46 12.72 -7.09
N THR A 377 -3.85 13.87 -7.65
CA THR A 377 -3.07 14.54 -8.69
C THR A 377 -1.98 15.40 -8.05
N SER A 378 -0.95 14.72 -7.55
CA SER A 378 0.19 15.39 -6.94
C SER A 378 1.40 14.48 -6.97
N LYS A 379 2.57 15.09 -6.83
CA LYS A 379 3.86 14.39 -6.73
C LYS A 379 4.09 13.61 -8.02
N GLN A 380 4.26 12.28 -7.98
CA GLN A 380 4.58 11.50 -9.17
C GLN A 380 3.47 10.49 -9.49
N HIS A 381 2.24 10.81 -9.14
CA HIS A 381 1.11 9.95 -9.49
C HIS A 381 0.90 9.94 -11.00
N PRO A 382 0.38 8.85 -11.56
CA PRO A 382 0.07 8.83 -13.01
C PRO A 382 -0.88 9.94 -13.45
N TYR A 383 -1.84 10.30 -12.59
CA TYR A 383 -2.68 11.46 -12.85
C TYR A 383 -1.82 12.70 -13.12
N ASN A 384 -0.79 12.89 -12.30
CA ASN A 384 0.09 14.04 -12.49
C ASN A 384 0.94 13.92 -13.74
N MET A 385 1.29 12.70 -14.17
CA MET A 385 1.97 12.54 -15.45
C MET A 385 1.08 12.95 -16.62
N ILE A 386 -0.18 12.54 -16.60
CA ILE A 386 -1.12 12.95 -17.64
C ILE A 386 -1.26 14.47 -17.64
N MET A 387 -1.38 15.06 -16.44
CA MET A 387 -1.52 16.51 -16.36
C MET A 387 -0.23 17.22 -16.76
N PHE A 388 0.93 16.59 -16.55
CA PHE A 388 2.19 17.17 -17.04
C PHE A 388 2.20 17.22 -18.55
N ASN A 389 1.74 16.15 -19.21
CA ASN A 389 1.62 16.17 -20.67
C ASN A 389 0.67 17.29 -21.11
N TYR A 390 -0.48 17.38 -20.44
CA TYR A 390 -1.46 18.42 -20.77
C TYR A 390 -0.87 19.82 -20.63
N LEU A 391 -0.20 20.08 -19.51
CA LEU A 391 0.31 21.42 -19.23
C LEU A 391 1.50 21.75 -20.12
N ASP A 392 2.32 20.75 -20.46
CA ASP A 392 3.40 20.98 -21.41
C ASP A 392 2.86 21.36 -22.78
N GLN A 393 1.79 20.70 -23.23
CA GLN A 393 1.17 21.11 -24.49
C GLN A 393 0.55 22.50 -24.38
N LYS A 394 -0.07 22.81 -23.24
CA LYS A 394 -0.76 24.08 -23.08
C LYS A 394 0.21 25.25 -23.08
N LEU A 395 1.27 25.18 -22.26
CA LEU A 395 2.25 26.26 -22.15
C LEU A 395 3.44 26.03 -23.08
N GLY A 396 3.17 25.83 -24.36
CA GLY A 396 4.25 25.58 -25.30
C GLY A 396 4.07 26.27 -26.64
N GLY A 397 3.00 27.06 -26.77
CA GLY A 397 2.72 27.75 -28.01
C GLY A 397 2.05 26.91 -29.08
N SER A 398 1.69 25.68 -28.77
CA SER A 398 1.02 24.80 -29.73
C SER A 398 -0.46 25.16 -29.79
N SER A 399 -0.91 25.65 -30.94
CA SER A 399 -2.30 26.08 -31.12
C SER A 399 -3.16 24.85 -31.44
N GLY A 400 -3.26 23.95 -30.47
CA GLY A 400 -4.07 22.76 -30.58
C GLY A 400 -5.15 22.73 -29.53
N PRO A 401 -6.35 22.28 -29.91
CA PRO A 401 -7.45 22.20 -28.94
C PRO A 401 -7.12 21.25 -27.80
N LEU A 402 -7.61 21.59 -26.62
CA LEU A 402 -7.39 20.76 -25.43
C LEU A 402 -8.73 20.42 -24.80
N PRO A 403 -8.84 19.26 -24.17
CA PRO A 403 -10.13 18.85 -23.61
C PRO A 403 -10.50 19.63 -22.37
N GLN A 404 -11.78 19.54 -22.00
CA GLN A 404 -12.25 20.05 -20.73
C GLN A 404 -12.02 19.02 -19.64
N VAL A 405 -11.61 19.48 -18.47
CA VAL A 405 -11.18 18.61 -17.37
C VAL A 405 -12.16 18.75 -16.22
N ILE A 406 -12.65 17.60 -15.73
CA ILE A 406 -13.56 17.54 -14.60
C ILE A 406 -12.96 16.59 -13.57
N GLY A 407 -12.98 17.01 -12.31
CA GLY A 407 -12.48 16.18 -11.21
C GLY A 407 -13.55 15.99 -10.15
N LEU A 408 -13.59 14.79 -9.59
CA LEU A 408 -14.54 14.44 -8.54
C LEU A 408 -13.78 13.96 -7.31
N THR A 409 -14.14 14.48 -6.14
CA THR A 409 -13.49 14.10 -4.90
C THR A 409 -14.42 14.39 -3.74
N ALA A 410 -14.09 13.80 -2.59
CA ALA A 410 -14.78 14.08 -1.34
C ALA A 410 -13.94 14.87 -0.35
N SER A 411 -12.65 15.06 -0.62
CA SER A 411 -11.77 15.82 0.27
C SER A 411 -10.54 16.23 -0.51
N VAL A 412 -10.28 17.54 -0.58
CA VAL A 412 -9.11 18.01 -1.33
C VAL A 412 -7.84 17.84 -0.50
N GLY A 413 -7.93 17.90 0.82
CA GLY A 413 -6.77 17.77 1.68
C GLY A 413 -6.06 19.09 1.92
N VAL A 414 -5.13 19.06 2.87
CA VAL A 414 -4.35 20.25 3.22
C VAL A 414 -2.85 20.04 3.07
N GLY A 415 -2.41 18.85 2.67
CA GLY A 415 -0.97 18.59 2.64
C GLY A 415 -0.42 18.58 4.06
N ASP A 416 0.65 19.35 4.27
CA ASP A 416 1.25 19.52 5.59
C ASP A 416 1.07 20.93 6.12
N ALA A 417 -0.08 21.54 5.85
CA ALA A 417 -0.35 22.89 6.31
C ALA A 417 -0.61 22.92 7.81
N LYS A 418 -0.20 24.02 8.45
CA LYS A 418 -0.43 24.21 9.87
C LYS A 418 -1.40 25.34 10.19
N ASN A 419 -1.56 26.30 9.29
CA ASN A 419 -2.52 27.39 9.45
C ASN A 419 -3.37 27.52 8.19
N THR A 420 -4.30 28.47 8.21
CA THR A 420 -5.25 28.62 7.11
C THR A 420 -4.56 29.09 5.83
N ASP A 421 -3.54 29.96 5.94
CA ASP A 421 -2.87 30.47 4.75
C ASP A 421 -2.16 29.36 3.99
N GLU A 422 -1.47 28.46 4.71
CA GLU A 422 -0.81 27.35 4.05
C GLU A 422 -1.80 26.40 3.41
N ALA A 423 -2.95 26.18 4.07
CA ALA A 423 -3.99 25.34 3.48
C ALA A 423 -4.52 25.96 2.19
N LEU A 424 -4.75 27.28 2.19
CA LEU A 424 -5.18 27.95 0.97
C LEU A 424 -4.14 27.83 -0.13
N ASP A 425 -2.85 27.97 0.23
CA ASP A 425 -1.80 27.80 -0.77
C ASP A 425 -1.80 26.39 -1.35
N TYR A 426 -1.96 25.38 -0.50
CA TYR A 426 -1.99 24.00 -1.00
C TYR A 426 -3.19 23.76 -1.90
N ILE A 427 -4.35 24.30 -1.53
CA ILE A 427 -5.55 24.11 -2.36
C ILE A 427 -5.39 24.82 -3.69
N CYS A 428 -4.77 26.00 -3.69
CA CYS A 428 -4.49 26.69 -4.94
C CYS A 428 -3.53 25.88 -5.81
N LYS A 429 -2.53 25.26 -5.20
CA LYS A 429 -1.60 24.41 -5.95
C LYS A 429 -2.32 23.22 -6.57
N LEU A 430 -3.21 22.58 -5.80
CA LEU A 430 -3.97 21.45 -6.34
C LEU A 430 -4.87 21.89 -7.48
N CYS A 431 -5.50 23.07 -7.36
CA CYS A 431 -6.31 23.60 -8.45
C CYS A 431 -5.46 23.87 -9.69
N ALA A 432 -4.24 24.36 -9.49
CA ALA A 432 -3.34 24.60 -10.62
C ALA A 432 -2.90 23.31 -11.28
N SER A 433 -2.79 22.23 -10.52
CA SER A 433 -2.39 20.94 -11.09
C SER A 433 -3.43 20.45 -12.11
N LEU A 434 -4.71 20.60 -11.81
CA LEU A 434 -5.78 20.12 -12.68
C LEU A 434 -6.30 21.18 -13.64
N ASP A 435 -5.70 22.38 -13.63
CA ASP A 435 -6.14 23.50 -14.46
C ASP A 435 -7.60 23.85 -14.21
N ALA A 436 -8.02 23.80 -12.95
CA ALA A 436 -9.41 24.10 -12.60
C ALA A 436 -9.54 25.53 -12.08
N SER A 437 -10.59 26.21 -12.56
CA SER A 437 -10.85 27.58 -12.14
C SER A 437 -12.10 27.72 -11.28
N VAL A 438 -12.83 26.63 -11.04
CA VAL A 438 -14.06 26.67 -10.25
C VAL A 438 -14.08 25.47 -9.32
N ILE A 439 -14.49 25.70 -8.08
CA ILE A 439 -14.76 24.63 -7.13
C ILE A 439 -16.25 24.64 -6.84
N ALA A 440 -16.91 23.51 -7.07
CA ALA A 440 -18.36 23.40 -6.98
C ALA A 440 -18.75 22.64 -5.72
N THR A 441 -19.56 23.26 -4.87
CA THR A 441 -20.09 22.65 -3.67
C THR A 441 -21.58 22.93 -3.57
N VAL A 442 -22.24 22.23 -2.65
CA VAL A 442 -23.68 22.39 -2.44
C VAL A 442 -23.89 23.55 -1.47
N LYS A 443 -24.57 24.59 -1.94
CA LYS A 443 -24.85 25.78 -1.13
C LYS A 443 -26.34 26.04 -0.96
N HIS A 444 -27.10 26.02 -2.06
CA HIS A 444 -28.50 26.41 -2.04
C HIS A 444 -29.46 25.25 -1.81
N ASN A 445 -28.94 24.03 -1.70
CA ASN A 445 -29.78 22.84 -1.54
C ASN A 445 -29.20 21.92 -0.47
N LEU A 446 -28.72 22.51 0.63
CA LEU A 446 -28.05 21.74 1.66
C LEU A 446 -29.00 20.79 2.39
N GLU A 447 -30.26 21.18 2.54
CA GLU A 447 -31.20 20.39 3.32
C GLU A 447 -31.44 19.02 2.69
N GLU A 448 -31.57 18.99 1.36
CA GLU A 448 -31.72 17.72 0.65
C GLU A 448 -30.51 16.83 0.84
N LEU A 449 -29.31 17.40 0.76
CA LEU A 449 -28.10 16.62 0.95
C LEU A 449 -28.02 16.04 2.36
N GLU A 450 -28.34 16.87 3.37
CA GLU A 450 -28.36 16.35 4.74
C GLU A 450 -29.42 15.28 4.91
N GLN A 451 -30.51 15.37 4.16
CA GLN A 451 -31.51 14.31 4.18
C GLN A 451 -31.02 13.05 3.47
N VAL A 452 -30.06 13.16 2.56
CA VAL A 452 -29.53 11.99 1.86
C VAL A 452 -28.36 11.37 2.61
N VAL A 453 -27.36 12.18 2.97
CA VAL A 453 -26.14 11.69 3.61
C VAL A 453 -26.09 12.20 5.04
N TYR A 454 -25.79 11.30 5.97
CA TYR A 454 -25.71 11.62 7.39
C TYR A 454 -24.28 11.50 7.89
N LYS A 455 -23.84 12.48 8.69
CA LYS A 455 -22.51 12.49 9.27
C LYS A 455 -22.55 11.90 10.67
N PRO A 456 -21.79 10.84 10.94
CA PRO A 456 -21.83 10.20 12.26
C PRO A 456 -21.08 11.00 13.31
N GLN A 457 -21.25 10.57 14.56
CA GLN A 457 -20.62 11.21 15.71
C GLN A 457 -19.35 10.47 16.09
N LYS A 458 -18.28 11.23 16.32
CA LYS A 458 -16.97 10.68 16.63
C LYS A 458 -16.75 10.64 18.13
N PHE A 459 -16.25 9.50 18.64
CA PHE A 459 -15.94 9.32 20.04
C PHE A 459 -14.47 8.96 20.20
N PHE A 460 -13.93 9.23 21.38
CA PHE A 460 -12.54 8.92 21.72
C PHE A 460 -12.50 8.09 22.99
N ARG A 461 -11.83 6.94 22.93
CA ARG A 461 -11.66 6.06 24.08
C ARG A 461 -10.18 5.84 24.32
N LYS A 462 -9.75 6.05 25.56
CA LYS A 462 -8.35 5.89 25.94
C LYS A 462 -8.29 4.86 27.08
N VAL A 463 -7.38 3.89 26.94
CA VAL A 463 -7.23 2.83 27.91
C VAL A 463 -5.78 2.80 28.39
N GLU A 464 -5.56 2.13 29.51
CA GLU A 464 -4.24 2.00 30.11
C GLU A 464 -3.61 0.67 29.73
N SER A 465 -2.27 0.65 29.76
CA SER A 465 -1.53 -0.55 29.42
C SER A 465 -1.57 -1.54 30.58
N ARG A 466 -0.98 -2.72 30.34
CA ARG A 466 -0.93 -3.76 31.36
C ARG A 466 -0.13 -3.30 32.56
N ILE A 467 -0.66 -3.53 33.76
CA ILE A 467 0.04 -3.15 34.98
C ILE A 467 1.26 -4.03 35.19
N SER A 468 1.09 -5.35 35.05
CA SER A 468 2.16 -6.32 35.24
C SER A 468 2.30 -7.16 33.98
N ASP A 469 3.54 -7.44 33.59
CA ASP A 469 3.83 -8.18 32.37
C ASP A 469 4.96 -9.16 32.62
N LYS A 470 4.61 -10.40 32.97
CA LYS A 470 5.61 -11.45 33.11
C LYS A 470 6.12 -11.95 31.77
N PHE A 471 5.26 -11.94 30.75
CA PHE A 471 5.66 -12.29 29.39
C PHE A 471 6.83 -11.43 28.95
N LYS A 472 6.69 -10.10 29.12
CA LYS A 472 7.76 -9.18 28.75
C LYS A 472 9.01 -9.42 29.58
N TYR A 473 8.85 -9.75 30.85
CA TYR A 473 9.99 -10.04 31.72
C TYR A 473 10.80 -11.23 31.19
N ILE A 474 10.12 -12.33 30.88
CA ILE A 474 10.80 -13.53 30.40
C ILE A 474 11.47 -13.27 29.06
N ILE A 475 10.75 -12.60 28.14
CA ILE A 475 11.32 -12.33 26.83
C ILE A 475 12.52 -11.40 26.94
N ALA A 476 12.46 -10.44 27.86
CA ALA A 476 13.60 -9.54 28.06
C ALA A 476 14.81 -10.27 28.61
N GLN A 477 14.59 -11.21 29.53
CA GLN A 477 15.71 -12.00 30.04
C GLN A 477 16.34 -12.82 28.93
N LEU A 478 15.52 -13.46 28.09
CA LEU A 478 16.05 -14.22 26.97
C LEU A 478 16.82 -13.33 26.00
N MET A 479 16.30 -12.13 25.75
CA MET A 479 16.94 -11.19 24.84
C MET A 479 18.28 -10.73 25.39
N ARG A 480 18.36 -10.50 26.70
CA ARG A 480 19.62 -10.14 27.33
C ARG A 480 20.64 -11.27 27.21
N ASP A 481 20.19 -12.51 27.43
CA ASP A 481 21.11 -13.65 27.28
C ASP A 481 21.63 -13.75 25.85
N THR A 482 20.75 -13.57 24.87
CA THR A 482 21.18 -13.63 23.47
C THR A 482 22.15 -12.50 23.14
N GLU A 483 21.90 -11.31 23.67
CA GLU A 483 22.83 -10.19 23.44
C GLU A 483 24.19 -10.47 24.06
N SER A 484 24.21 -11.07 25.25
CA SER A 484 25.50 -11.44 25.86
C SER A 484 26.23 -12.48 25.01
N LEU A 485 25.50 -13.46 24.49
CA LEU A 485 26.13 -14.46 23.62
C LEU A 485 26.71 -13.81 22.37
N ALA A 486 25.99 -12.86 21.78
CA ALA A 486 26.50 -12.15 20.61
C ALA A 486 27.73 -11.33 20.96
N LYS A 487 27.72 -10.66 22.12
CA LYS A 487 28.85 -9.85 22.54
C LYS A 487 30.08 -10.72 22.80
N ARG A 488 29.88 -11.96 23.21
CA ARG A 488 31.00 -12.85 23.47
C ARG A 488 31.84 -13.07 22.21
N ILE A 489 31.17 -13.21 21.06
CA ILE A 489 31.90 -13.47 19.82
C ILE A 489 32.43 -12.17 19.22
N CYS A 490 31.62 -11.12 19.24
CA CYS A 490 31.99 -9.82 18.68
C CYS A 490 32.17 -8.82 19.82
N LYS A 491 33.40 -8.37 20.03
CA LYS A 491 33.70 -7.46 21.13
C LYS A 491 33.37 -6.01 20.81
N ASP A 492 33.10 -5.68 19.56
CA ASP A 492 32.78 -4.30 19.15
C ASP A 492 31.32 -4.16 18.73
N LEU A 493 30.42 -4.85 19.43
CA LEU A 493 29.01 -4.83 19.03
C LEU A 493 28.39 -3.46 19.26
N GLU A 494 28.74 -2.80 20.37
CA GLU A 494 28.08 -1.56 20.75
C GLU A 494 28.47 -0.37 19.90
N ASN A 495 29.48 -0.51 19.04
CA ASN A 495 29.92 0.58 18.17
C ASN A 495 29.47 0.39 16.73
N LEU A 496 28.67 -0.64 16.45
CA LEU A 496 28.22 -0.88 15.08
C LEU A 496 27.11 0.06 14.66
N SER A 497 26.33 0.58 15.62
CA SER A 497 25.22 1.48 15.33
C SER A 497 25.27 2.67 16.27
N GLN A 498 24.77 3.80 15.79
CA GLN A 498 24.76 5.04 16.56
C GLN A 498 23.50 5.24 17.38
N ILE A 499 22.55 4.30 17.32
CA ILE A 499 21.33 4.43 18.11
C ILE A 499 21.66 4.17 19.58
N GLN A 500 21.24 5.09 20.44
CA GLN A 500 21.56 5.04 21.86
C GLN A 500 20.28 4.86 22.68
N ASN A 501 20.43 4.19 23.83
CA ASN A 501 19.34 4.01 24.78
C ASN A 501 18.18 3.21 24.16
N ARG A 502 18.52 2.10 23.53
CA ARG A 502 17.52 1.23 22.94
C ARG A 502 16.75 0.48 24.03
N GLU A 503 15.49 0.19 23.74
CA GLU A 503 14.62 -0.51 24.68
C GLU A 503 13.92 -1.67 23.97
N PHE A 504 13.74 -2.76 24.70
CA PHE A 504 13.13 -3.95 24.13
C PHE A 504 11.67 -3.70 23.75
N GLY A 505 11.27 -4.21 22.60
CA GLY A 505 9.88 -4.13 22.18
C GLY A 505 9.48 -2.82 21.55
N THR A 506 10.37 -2.18 20.82
CA THR A 506 10.09 -0.90 20.17
C THR A 506 10.61 -0.92 18.73
N GLN A 507 10.16 0.06 17.96
CA GLN A 507 10.64 0.22 16.58
C GLN A 507 12.10 0.63 16.54
N LYS A 508 12.55 1.40 17.53
CA LYS A 508 13.95 1.81 17.59
C LYS A 508 14.87 0.62 17.74
N TYR A 509 14.49 -0.34 18.60
CA TYR A 509 15.30 -1.55 18.75
C TYR A 509 15.31 -2.36 17.46
N GLU A 510 14.19 -2.39 16.74
CA GLU A 510 14.15 -3.08 15.47
C GLU A 510 15.12 -2.45 14.47
N GLN A 511 15.14 -1.12 14.40
CA GLN A 511 16.08 -0.45 13.52
C GLN A 511 17.52 -0.74 13.93
N TRP A 512 17.80 -0.72 15.24
CA TRP A 512 19.15 -1.01 15.73
C TRP A 512 19.59 -2.41 15.33
N ILE A 513 18.71 -3.40 15.52
CA ILE A 513 19.09 -4.78 15.22
C ILE A 513 19.22 -4.99 13.71
N VAL A 514 18.41 -4.30 12.91
CA VAL A 514 18.56 -4.40 11.45
C VAL A 514 19.91 -3.82 11.02
N THR A 515 20.29 -2.68 11.59
CA THR A 515 21.59 -2.09 11.26
C THR A 515 22.73 -3.00 11.70
N VAL A 516 22.61 -3.61 12.87
CA VAL A 516 23.65 -4.52 13.36
C VAL A 516 23.77 -5.74 12.45
N GLN A 517 22.63 -6.29 12.01
CA GLN A 517 22.64 -7.41 11.07
C GLN A 517 23.34 -7.03 9.78
N LYS A 518 23.00 -5.87 9.22
CA LYS A 518 23.63 -5.44 7.97
C LYS A 518 25.12 -5.16 8.14
N ALA A 519 25.55 -4.80 9.35
CA ALA A 519 26.97 -4.57 9.59
C ALA A 519 27.76 -5.87 9.73
N CYS A 520 27.17 -6.90 10.33
CA CYS A 520 27.90 -8.13 10.62
C CYS A 520 28.04 -9.03 9.39
N MET A 521 27.25 -8.81 8.34
CA MET A 521 27.31 -9.62 7.14
C MET A 521 28.36 -9.14 6.16
N VAL A 522 29.12 -8.12 6.51
CA VAL A 522 30.15 -7.57 5.64
C VAL A 522 31.57 -7.88 6.13
N PHE A 523 31.72 -8.32 7.39
CA PHE A 523 33.04 -8.57 7.96
C PHE A 523 33.84 -9.53 7.09
N GLN A 524 35.07 -9.13 6.76
CA GLN A 524 35.96 -9.93 5.94
C GLN A 524 37.28 -10.13 6.67
N MET A 525 37.72 -11.38 6.78
CA MET A 525 38.91 -11.73 7.54
C MET A 525 39.78 -12.69 6.73
N PRO A 526 41.10 -12.67 6.97
CA PRO A 526 42.00 -13.51 6.17
C PRO A 526 41.70 -15.01 6.23
N ASP A 527 41.30 -15.53 7.38
CA ASP A 527 40.97 -16.95 7.50
C ASP A 527 39.49 -17.14 7.16
N LYS A 528 39.24 -17.88 6.08
CA LYS A 528 37.87 -17.96 5.54
C LYS A 528 36.97 -18.82 6.42
N ASP A 529 37.48 -19.92 6.96
CA ASP A 529 36.66 -20.81 7.78
C ASP A 529 36.17 -20.10 9.05
N GLU A 530 37.08 -19.41 9.74
CA GLU A 530 36.70 -18.75 10.99
C GLU A 530 35.82 -17.53 10.71
N GLU A 531 36.07 -16.83 9.60
CA GLU A 531 35.17 -15.77 9.18
C GLU A 531 33.76 -16.29 8.94
N SER A 532 33.64 -17.42 8.25
CA SER A 532 32.34 -18.02 8.00
C SER A 532 31.66 -18.42 9.30
N ARG A 533 32.42 -19.00 10.23
CA ARG A 533 31.87 -19.38 11.52
C ARG A 533 31.30 -18.18 12.25
N ILE A 534 32.08 -17.09 12.34
CA ILE A 534 31.64 -15.90 13.05
C ILE A 534 30.42 -15.29 12.38
N CYS A 535 30.43 -15.20 11.05
CA CYS A 535 29.31 -14.60 10.34
C CYS A 535 28.03 -15.39 10.53
N LYS A 536 28.12 -16.73 10.44
CA LYS A 536 26.93 -17.56 10.64
C LYS A 536 26.39 -17.42 12.06
N ALA A 537 27.28 -17.41 13.06
CA ALA A 537 26.84 -17.26 14.44
C ALA A 537 26.13 -15.92 14.64
N LEU A 538 26.70 -14.84 14.11
CA LEU A 538 26.08 -13.53 14.27
C LEU A 538 24.74 -13.47 13.56
N PHE A 539 24.65 -14.06 12.36
CA PHE A 539 23.37 -14.15 11.64
C PHE A 539 22.30 -14.80 12.52
N LEU A 540 22.61 -15.96 13.10
CA LEU A 540 21.63 -16.67 13.91
C LEU A 540 21.22 -15.85 15.13
N TYR A 541 22.20 -15.26 15.83
CA TYR A 541 21.90 -14.51 17.04
C TYR A 541 20.99 -13.31 16.72
N THR A 542 21.33 -12.57 15.67
CA THR A 542 20.55 -11.39 15.34
C THR A 542 19.13 -11.76 14.88
N SER A 543 19.01 -12.86 14.12
CA SER A 543 17.69 -13.30 13.71
C SER A 543 16.81 -13.64 14.91
N HIS A 544 17.38 -14.34 15.89
CA HIS A 544 16.60 -14.67 17.09
C HIS A 544 16.20 -13.40 17.85
N LEU A 545 17.11 -12.43 17.97
CA LEU A 545 16.77 -11.18 18.65
C LEU A 545 15.63 -10.44 17.95
N ARG A 546 15.69 -10.38 16.61
CA ARG A 546 14.63 -9.73 15.85
C ARG A 546 13.28 -10.43 16.05
N LYS A 547 13.28 -11.77 16.05
CA LYS A 547 12.04 -12.49 16.27
C LYS A 547 11.47 -12.21 17.66
N TYR A 548 12.34 -12.15 18.67
CA TYR A 548 11.88 -11.83 20.01
C TYR A 548 11.25 -10.44 20.09
N ASN A 549 11.87 -9.46 19.43
CA ASN A 549 11.31 -8.11 19.41
C ASN A 549 9.94 -8.10 18.72
N ASP A 550 9.81 -8.81 17.60
CA ASP A 550 8.52 -8.90 16.92
C ASP A 550 7.45 -9.52 17.82
N ALA A 551 7.82 -10.58 18.54
CA ALA A 551 6.88 -11.20 19.47
C ALA A 551 6.44 -10.23 20.55
N LEU A 552 7.38 -9.43 21.08
CA LEU A 552 7.01 -8.43 22.09
C LEU A 552 6.01 -7.42 21.54
N ILE A 553 6.24 -6.93 20.32
CA ILE A 553 5.32 -5.96 19.74
C ILE A 553 3.94 -6.59 19.53
N ILE A 554 3.90 -7.82 19.01
CA ILE A 554 2.63 -8.50 18.79
C ILE A 554 1.87 -8.67 20.10
N SER A 555 2.58 -9.07 21.16
CA SER A 555 1.94 -9.17 22.47
C SER A 555 1.43 -7.82 22.94
N GLU A 556 2.15 -6.74 22.63
CA GLU A 556 1.67 -5.42 22.99
C GLU A 556 0.34 -5.09 22.33
N HIS A 557 0.19 -5.42 21.04
CA HIS A 557 -1.03 -5.04 20.34
C HIS A 557 -2.10 -6.13 20.31
N ALA A 558 -1.86 -7.31 20.87
CA ALA A 558 -2.83 -8.40 20.79
C ALA A 558 -2.67 -9.28 22.03
N ARG A 559 -3.21 -10.49 21.97
CA ARG A 559 -3.07 -11.43 23.08
C ARG A 559 -1.65 -12.00 23.14
N MET A 560 -1.34 -12.61 24.28
CA MET A 560 -0.05 -13.28 24.43
C MET A 560 0.01 -14.58 23.63
N LYS A 561 -1.16 -15.19 23.41
CA LYS A 561 -1.21 -16.45 22.67
C LYS A 561 -0.72 -16.28 21.24
N ASP A 562 -1.06 -15.16 20.60
CA ASP A 562 -0.59 -14.92 19.24
C ASP A 562 0.93 -14.80 19.19
N ALA A 563 1.52 -14.08 20.14
CA ALA A 563 2.98 -13.95 20.17
C ALA A 563 3.66 -15.29 20.45
N LEU A 564 3.09 -16.08 21.37
CA LEU A 564 3.65 -17.40 21.66
C LEU A 564 3.58 -18.31 20.43
N ASP A 565 2.46 -18.26 19.70
CA ASP A 565 2.33 -19.06 18.48
C ASP A 565 3.32 -18.61 17.42
N TYR A 566 3.53 -17.30 17.30
CA TYR A 566 4.52 -16.77 16.37
C TYR A 566 5.92 -17.31 16.71
N LEU A 567 6.29 -17.26 17.98
CA LEU A 567 7.59 -17.79 18.40
C LEU A 567 7.69 -19.29 18.16
N LYS A 568 6.62 -20.03 18.45
CA LYS A 568 6.64 -21.47 18.24
C LYS A 568 6.80 -21.83 16.77
N ASP A 569 6.11 -21.10 15.89
CA ASP A 569 6.27 -21.35 14.46
C ASP A 569 7.70 -21.05 14.01
N PHE A 570 8.26 -19.93 14.47
CA PHE A 570 9.64 -19.61 14.10
C PHE A 570 10.60 -20.69 14.58
N PHE A 571 10.41 -21.18 15.81
CA PHE A 571 11.33 -22.18 16.35
C PHE A 571 11.16 -23.52 15.65
N SER A 572 9.93 -23.87 15.25
CA SER A 572 9.75 -25.09 14.46
C SER A 572 10.47 -24.99 13.12
N ASN A 573 10.35 -23.84 12.45
CA ASN A 573 11.06 -23.66 11.19
C ASN A 573 12.57 -23.71 11.40
N VAL A 574 13.07 -23.10 12.47
CA VAL A 574 14.51 -23.11 12.74
C VAL A 574 14.99 -24.53 13.01
N ARG A 575 14.21 -25.31 13.76
CA ARG A 575 14.57 -26.70 14.03
C ARG A 575 14.58 -27.51 12.74
N ALA A 576 13.63 -27.25 11.85
CA ALA A 576 13.57 -27.93 10.56
C ALA A 576 14.47 -27.30 9.51
N ALA A 577 15.28 -26.31 9.88
CA ALA A 577 16.07 -25.55 8.90
C ALA A 577 17.56 -25.56 9.20
N GLY A 578 18.13 -26.72 9.48
CA GLY A 578 19.57 -26.81 9.67
C GLY A 578 20.04 -26.76 11.11
N PHE A 579 19.54 -27.68 11.93
CA PHE A 579 19.88 -27.71 13.35
C PHE A 579 21.37 -27.98 13.54
N ASP A 580 22.08 -26.99 14.10
CA ASP A 580 23.49 -27.14 14.46
C ASP A 580 23.69 -26.77 15.93
N GLU A 581 24.94 -26.70 16.39
CA GLU A 581 25.19 -26.59 17.83
C GLU A 581 24.68 -25.26 18.38
N ILE A 582 24.89 -24.16 17.66
CA ILE A 582 24.39 -22.86 18.11
C ILE A 582 22.86 -22.83 18.09
N GLU A 583 22.26 -23.35 17.02
CA GLU A 583 20.81 -23.46 16.97
C GLU A 583 20.29 -24.37 18.06
N GLN A 584 21.00 -25.46 18.35
CA GLN A 584 20.61 -26.35 19.44
C GLN A 584 20.63 -25.60 20.77
N ASP A 585 21.67 -24.80 21.00
CA ASP A 585 21.76 -24.04 22.24
C ASP A 585 20.61 -23.06 22.37
N LEU A 586 20.32 -22.32 21.29
CA LEU A 586 19.23 -21.35 21.35
C LEU A 586 17.88 -22.03 21.57
N THR A 587 17.64 -23.15 20.89
CA THR A 587 16.39 -23.87 21.04
C THR A 587 16.24 -24.44 22.45
N GLN A 588 17.33 -24.96 23.03
CA GLN A 588 17.27 -25.45 24.39
C GLN A 588 16.98 -24.32 25.38
N ARG A 589 17.62 -23.16 25.18
CA ARG A 589 17.37 -22.02 26.05
C ARG A 589 15.91 -21.56 25.96
N PHE A 590 15.31 -21.64 24.77
CA PHE A 590 13.90 -21.29 24.65
C PHE A 590 13.01 -22.32 25.34
N GLU A 591 13.25 -23.62 25.09
CA GLU A 591 12.45 -24.66 25.71
C GLU A 591 12.57 -24.67 27.23
N GLU A 592 13.65 -24.10 27.77
CA GLU A 592 13.76 -23.98 29.22
C GLU A 592 12.63 -23.13 29.79
N LYS A 593 12.29 -22.03 29.12
CA LYS A 593 11.27 -21.10 29.59
C LYS A 593 9.92 -21.26 28.89
N LEU A 594 9.82 -22.20 27.94
CA LEU A 594 8.56 -22.39 27.22
C LEU A 594 7.41 -22.74 28.15
N GLN A 595 7.67 -23.59 29.15
CA GLN A 595 6.61 -23.98 30.07
C GLN A 595 6.06 -22.79 30.85
N GLU A 596 6.96 -21.94 31.36
CA GLU A 596 6.53 -20.76 32.09
C GLU A 596 5.83 -19.76 31.18
N LEU A 597 6.27 -19.67 29.92
CA LEU A 597 5.58 -18.79 28.96
C LEU A 597 4.17 -19.28 28.69
N GLU A 598 3.99 -20.60 28.54
CA GLU A 598 2.67 -21.14 28.27
C GLU A 598 1.76 -21.00 29.49
N SER A 599 2.32 -21.12 30.69
CA SER A 599 1.51 -20.97 31.90
C SER A 599 0.97 -19.55 32.04
N VAL A 600 1.80 -18.54 31.73
CA VAL A 600 1.40 -17.15 31.94
C VAL A 600 0.32 -16.73 30.95
N SER A 601 0.48 -17.12 29.67
CA SER A 601 -0.41 -16.62 28.63
C SER A 601 -1.84 -17.17 28.76
N ARG A 602 -2.03 -18.23 29.55
CA ARG A 602 -3.35 -18.82 29.73
C ARG A 602 -4.11 -18.25 30.92
N ASP A 603 -3.51 -17.33 31.66
CA ASP A 603 -4.19 -16.75 32.82
C ASP A 603 -5.25 -15.76 32.37
N PRO A 604 -6.50 -15.91 32.80
CA PRO A 604 -7.57 -15.00 32.35
C PRO A 604 -7.39 -13.56 32.79
N SER A 605 -6.55 -13.33 33.79
CA SER A 605 -6.36 -12.00 34.37
C SER A 605 -5.27 -11.20 33.67
N ASN A 606 -4.68 -11.73 32.61
CA ASN A 606 -3.63 -11.04 31.88
C ASN A 606 -4.09 -10.54 30.51
N GLU A 607 -5.39 -10.49 30.27
CA GLU A 607 -5.92 -10.11 28.97
C GLU A 607 -5.66 -8.64 28.68
N ASN A 608 -5.49 -8.33 27.39
CA ASN A 608 -5.26 -6.96 26.96
C ASN A 608 -6.46 -6.08 27.32
N PRO A 609 -6.27 -4.97 28.02
CA PRO A 609 -7.41 -4.08 28.32
C PRO A 609 -8.09 -3.52 27.08
N LYS A 610 -7.36 -3.32 25.98
CA LYS A 610 -7.98 -2.87 24.75
C LYS A 610 -9.02 -3.87 24.25
N LEU A 611 -8.71 -5.17 24.36
CA LEU A 611 -9.68 -6.19 23.95
C LEU A 611 -10.92 -6.16 24.83
N GLU A 612 -10.75 -5.95 26.13
CA GLU A 612 -11.90 -5.83 27.02
C GLU A 612 -12.77 -4.64 26.64
N ASP A 613 -12.15 -3.50 26.35
CA ASP A 613 -12.91 -2.32 25.96
C ASP A 613 -13.64 -2.55 24.64
N LEU A 614 -12.98 -3.20 23.68
CA LEU A 614 -13.62 -3.49 22.41
C LEU A 614 -14.81 -4.42 22.58
N CYS A 615 -14.66 -5.46 23.40
CA CYS A 615 -15.77 -6.37 23.68
C CYS A 615 -16.93 -5.63 24.34
N PHE A 616 -16.63 -4.75 25.30
CA PHE A 616 -17.69 -3.96 25.93
C PHE A 616 -18.40 -3.08 24.93
N ILE A 617 -17.65 -2.43 24.04
CA ILE A 617 -18.26 -1.56 23.03
C ILE A 617 -19.18 -2.37 22.13
N LEU A 618 -18.72 -3.53 21.66
CA LEU A 618 -19.52 -4.34 20.76
C LEU A 618 -20.78 -4.84 21.45
N GLN A 619 -20.67 -5.30 22.69
CA GLN A 619 -21.84 -5.76 23.44
C GLN A 619 -22.85 -4.64 23.62
N GLU A 620 -22.38 -3.46 24.04
CA GLU A 620 -23.29 -2.34 24.27
C GLU A 620 -23.97 -1.89 22.99
N GLU A 621 -23.25 -1.88 21.87
CA GLU A 621 -23.86 -1.44 20.62
C GLU A 621 -24.85 -2.46 20.08
N TYR A 622 -24.50 -3.75 20.11
CA TYR A 622 -25.39 -4.76 19.56
C TYR A 622 -26.55 -5.11 20.47
N HIS A 623 -26.50 -4.73 21.75
CA HIS A 623 -27.67 -4.92 22.61
C HIS A 623 -28.83 -4.06 22.15
N LEU A 624 -28.57 -2.81 21.75
CA LEU A 624 -29.64 -1.92 21.33
C LEU A 624 -30.19 -2.31 19.97
N ASN A 625 -29.30 -2.57 19.01
CA ASN A 625 -29.67 -2.86 17.63
C ASN A 625 -29.12 -4.21 17.23
N PRO A 626 -29.93 -5.28 17.32
CA PRO A 626 -29.43 -6.61 16.92
C PRO A 626 -29.06 -6.72 15.46
N GLU A 627 -29.54 -5.81 14.60
CA GLU A 627 -29.26 -5.83 13.18
C GLU A 627 -28.09 -4.94 12.79
N THR A 628 -27.19 -4.64 13.72
CA THR A 628 -26.09 -3.73 13.45
C THR A 628 -25.11 -4.34 12.46
N ILE A 629 -24.55 -3.49 11.60
CA ILE A 629 -23.49 -3.87 10.67
C ILE A 629 -22.24 -3.08 11.05
N THR A 630 -21.12 -3.76 11.18
CA THR A 630 -19.90 -3.17 11.72
C THR A 630 -18.73 -3.39 10.77
N ILE A 631 -17.81 -2.43 10.75
CA ILE A 631 -16.53 -2.55 10.05
C ILE A 631 -15.41 -2.18 11.03
N LEU A 632 -14.35 -2.97 11.03
CA LEU A 632 -13.25 -2.81 11.98
C LEU A 632 -11.95 -2.60 11.20
N PHE A 633 -11.28 -1.49 11.46
CA PHE A 633 -10.05 -1.12 10.77
C PHE A 633 -8.84 -1.46 11.65
N VAL A 634 -7.83 -2.11 11.06
CA VAL A 634 -6.61 -2.47 11.76
C VAL A 634 -5.42 -2.12 10.88
N LYS A 635 -4.22 -2.29 11.43
CA LYS A 635 -2.99 -1.85 10.79
C LYS A 635 -2.27 -2.94 10.01
N THR A 636 -2.20 -4.16 10.55
CA THR A 636 -1.38 -5.21 9.94
C THR A 636 -2.23 -6.43 9.61
N ARG A 637 -1.70 -7.25 8.69
CA ARG A 637 -2.40 -8.45 8.26
C ARG A 637 -2.50 -9.50 9.36
N ALA A 638 -1.51 -9.54 10.27
CA ALA A 638 -1.55 -10.50 11.35
C ALA A 638 -2.65 -10.16 12.36
N LEU A 639 -2.88 -8.87 12.59
CA LEU A 639 -3.93 -8.45 13.50
C LEU A 639 -5.31 -8.88 13.01
N VAL A 640 -5.51 -8.94 11.70
CA VAL A 640 -6.79 -9.39 11.16
C VAL A 640 -7.09 -10.82 11.60
N ASP A 641 -6.13 -11.72 11.40
CA ASP A 641 -6.31 -13.11 11.82
C ASP A 641 -6.41 -13.23 13.33
N ALA A 642 -5.61 -12.46 14.07
CA ALA A 642 -5.66 -12.52 15.53
C ALA A 642 -7.02 -12.11 16.05
N LEU A 643 -7.58 -11.03 15.52
CA LEU A 643 -8.88 -10.56 16.00
C LEU A 643 -10.01 -11.46 15.53
N LYS A 644 -9.90 -12.06 14.33
CA LYS A 644 -10.90 -13.04 13.92
C LYS A 644 -10.90 -14.24 14.86
N ASN A 645 -9.71 -14.74 15.21
CA ASN A 645 -9.64 -15.84 16.15
C ASN A 645 -10.19 -15.46 17.52
N TRP A 646 -9.86 -14.25 18.00
CA TRP A 646 -10.35 -13.81 19.30
C TRP A 646 -11.87 -13.68 19.30
N ILE A 647 -12.45 -13.15 18.22
CA ILE A 647 -13.90 -13.02 18.13
C ILE A 647 -14.56 -14.40 18.10
N GLU A 648 -13.98 -15.33 17.31
CA GLU A 648 -14.56 -16.67 17.24
C GLU A 648 -14.49 -17.39 18.58
N GLY A 649 -13.39 -17.24 19.30
CA GLY A 649 -13.21 -17.90 20.57
C GLY A 649 -13.81 -17.22 21.78
N ASN A 650 -14.42 -16.04 21.61
CA ASN A 650 -14.96 -15.30 22.74
C ASN A 650 -16.39 -15.77 23.02
N PRO A 651 -16.66 -16.32 24.20
CA PRO A 651 -18.03 -16.79 24.50
C PRO A 651 -19.05 -15.67 24.58
N LYS A 652 -18.63 -14.43 24.79
CA LYS A 652 -19.57 -13.31 24.92
C LYS A 652 -19.87 -12.63 23.59
N LEU A 653 -19.22 -13.03 22.51
CA LEU A 653 -19.43 -12.44 21.18
C LEU A 653 -19.97 -13.47 20.20
N SER A 654 -20.92 -14.29 20.67
CA SER A 654 -21.48 -15.35 19.83
C SER A 654 -22.41 -14.83 18.75
N PHE A 655 -22.77 -13.56 18.78
CA PHE A 655 -23.69 -12.98 17.80
C PHE A 655 -22.99 -12.39 16.59
N LEU A 656 -21.67 -12.50 16.50
CA LEU A 656 -20.90 -11.91 15.41
C LEU A 656 -20.50 -12.98 14.40
N LYS A 657 -20.40 -12.59 13.13
CA LYS A 657 -19.98 -13.46 12.04
C LYS A 657 -18.87 -12.74 11.28
N PRO A 658 -17.62 -12.87 11.70
CA PRO A 658 -16.55 -12.04 11.13
C PRO A 658 -16.25 -12.34 9.67
N GLY A 659 -15.85 -11.30 8.97
CA GLY A 659 -15.33 -11.44 7.62
C GLY A 659 -13.97 -10.79 7.53
N ILE A 660 -13.21 -11.21 6.52
CA ILE A 660 -11.80 -10.84 6.37
C ILE A 660 -11.59 -10.16 5.02
N LEU A 661 -10.81 -9.09 5.03
CA LEU A 661 -10.49 -8.37 3.79
C LEU A 661 -9.09 -7.81 3.92
N THR A 662 -8.18 -8.26 3.05
CA THR A 662 -6.82 -7.75 3.03
C THR A 662 -6.41 -7.39 1.60
N GLY A 663 -5.17 -6.95 1.41
CA GLY A 663 -4.66 -6.61 0.10
C GLY A 663 -4.32 -7.84 -0.73
N ARG A 664 -3.96 -7.58 -1.98
CA ARG A 664 -3.68 -8.63 -2.96
C ARG A 664 -2.22 -9.05 -3.00
N GLY A 665 -1.31 -8.16 -2.62
CA GLY A 665 0.11 -8.47 -2.72
C GLY A 665 0.54 -9.54 -1.75
N LYS A 666 1.57 -10.29 -2.14
CA LYS A 666 2.11 -11.36 -1.32
C LYS A 666 3.32 -10.88 -0.54
N THR A 667 3.30 -11.13 0.76
CA THR A 667 4.36 -10.72 1.66
C THR A 667 5.17 -11.95 2.07
N ASN A 668 6.22 -11.71 2.87
CA ASN A 668 7.09 -12.80 3.28
C ASN A 668 6.37 -13.81 4.17
N GLN A 669 5.42 -13.35 4.98
CA GLN A 669 4.71 -14.22 5.91
C GLN A 669 3.27 -14.49 5.50
N ASN A 670 2.72 -13.73 4.55
CA ASN A 670 1.31 -13.84 4.20
C ASN A 670 1.14 -13.98 2.70
N THR A 671 0.10 -14.69 2.31
CA THR A 671 -0.34 -14.76 0.92
C THR A 671 -1.42 -13.71 0.68
N GLY A 672 -1.55 -13.29 -0.58
CA GLY A 672 -2.49 -12.25 -0.93
C GLY A 672 -3.91 -12.76 -1.04
N MET A 673 -4.78 -11.87 -1.51
CA MET A 673 -6.17 -12.18 -1.78
C MET A 673 -6.46 -11.87 -3.25
N THR A 674 -7.14 -12.80 -3.93
CA THR A 674 -7.49 -12.58 -5.31
C THR A 674 -8.74 -11.70 -5.42
N LEU A 675 -8.92 -11.12 -6.60
CA LEU A 675 -10.11 -10.31 -6.84
C LEU A 675 -11.41 -11.09 -6.68
N PRO A 676 -11.56 -12.30 -7.23
CA PRO A 676 -12.80 -13.04 -6.99
C PRO A 676 -13.10 -13.31 -5.52
N ALA A 677 -12.07 -13.59 -4.71
CA ALA A 677 -12.29 -13.82 -3.29
C ALA A 677 -12.78 -12.57 -2.58
N GLN A 678 -12.16 -11.43 -2.88
CA GLN A 678 -12.61 -10.16 -2.32
C GLN A 678 -14.03 -9.85 -2.73
N LYS A 679 -14.36 -10.07 -4.00
CA LYS A 679 -15.73 -9.82 -4.47
C LYS A 679 -16.73 -10.72 -3.76
N CYS A 680 -16.38 -12.00 -3.59
CA CYS A 680 -17.28 -12.93 -2.91
C CYS A 680 -17.52 -12.51 -1.47
N ILE A 681 -16.46 -12.13 -0.75
CA ILE A 681 -16.64 -11.76 0.65
C ILE A 681 -17.40 -10.45 0.76
N LEU A 682 -17.19 -9.52 -0.18
CA LEU A 682 -17.94 -8.27 -0.16
C LEU A 682 -19.41 -8.51 -0.44
N ASP A 683 -19.73 -9.40 -1.38
CA ASP A 683 -21.13 -9.76 -1.63
C ASP A 683 -21.75 -10.41 -0.42
N ALA A 684 -20.99 -11.24 0.30
CA ALA A 684 -21.51 -11.89 1.50
C ALA A 684 -21.75 -10.89 2.62
N PHE A 685 -20.89 -9.88 2.73
CA PHE A 685 -20.98 -8.90 3.82
C PHE A 685 -22.09 -7.90 3.50
N LYS A 686 -23.26 -8.09 4.11
CA LYS A 686 -24.40 -7.22 3.93
C LYS A 686 -25.42 -7.56 5.02
N ALA A 687 -26.43 -6.70 5.15
CA ALA A 687 -27.48 -6.93 6.12
C ALA A 687 -28.28 -8.18 5.77
N SER A 688 -28.61 -8.97 6.81
CA SER A 688 -29.28 -10.26 6.63
C SER A 688 -28.47 -11.17 5.71
N GLY A 689 -27.16 -11.22 5.93
CA GLY A 689 -26.28 -12.05 5.13
C GLY A 689 -25.45 -12.99 5.98
N ASP A 690 -24.35 -13.50 5.41
CA ASP A 690 -23.47 -14.43 6.12
C ASP A 690 -22.52 -13.74 7.08
N HIS A 691 -22.34 -12.42 6.97
CA HIS A 691 -21.41 -11.69 7.82
C HIS A 691 -22.06 -10.40 8.30
N ASN A 692 -21.80 -10.04 9.55
CA ASN A 692 -22.26 -8.77 10.10
C ASN A 692 -21.15 -7.91 10.67
N ILE A 693 -19.90 -8.38 10.65
CA ILE A 693 -18.74 -7.58 11.05
C ILE A 693 -17.59 -7.90 10.11
N LEU A 694 -16.89 -6.86 9.66
CA LEU A 694 -15.79 -7.00 8.73
C LEU A 694 -14.51 -6.47 9.37
N ILE A 695 -13.45 -7.29 9.34
CA ILE A 695 -12.13 -6.88 9.78
C ILE A 695 -11.25 -6.71 8.55
N ALA A 696 -10.71 -5.49 8.37
CA ALA A 696 -10.01 -5.19 7.13
C ALA A 696 -8.85 -4.25 7.41
N THR A 697 -7.89 -4.25 6.48
CA THR A 697 -6.79 -3.30 6.45
C THR A 697 -7.22 -2.09 5.62
N SER A 698 -6.27 -1.25 5.21
CA SER A 698 -6.58 -0.04 4.45
C SER A 698 -7.12 -0.32 3.05
N VAL A 699 -7.38 -1.57 2.68
CA VAL A 699 -7.98 -1.88 1.39
C VAL A 699 -9.40 -1.32 1.31
N ALA A 700 -10.12 -1.30 2.43
CA ALA A 700 -11.50 -0.85 2.47
C ALA A 700 -11.63 0.66 2.66
N ASP A 701 -10.57 1.43 2.37
CA ASP A 701 -10.58 2.87 2.53
C ASP A 701 -11.24 3.60 1.37
N GLU A 702 -10.83 3.27 0.14
CA GLU A 702 -11.21 4.04 -1.04
C GLU A 702 -11.66 3.10 -2.15
N GLY A 703 -12.51 3.62 -3.02
CA GLY A 703 -12.92 2.91 -4.24
C GLY A 703 -13.88 1.75 -4.08
N ILE A 704 -13.52 0.76 -3.27
CA ILE A 704 -14.35 -0.42 -3.08
C ILE A 704 -15.66 0.00 -2.41
N ASP A 705 -16.78 -0.46 -2.97
CA ASP A 705 -18.07 -0.15 -2.39
C ASP A 705 -18.46 -1.19 -1.34
N ILE A 706 -19.04 -0.71 -0.25
CA ILE A 706 -19.38 -1.54 0.91
C ILE A 706 -20.75 -1.11 1.40
N ALA A 707 -21.53 -2.08 1.88
CA ALA A 707 -22.85 -1.78 2.42
C ALA A 707 -22.74 -0.83 3.60
N GLN A 708 -23.81 -0.07 3.83
CA GLN A 708 -23.84 0.93 4.88
C GLN A 708 -23.68 0.27 6.24
N CYS A 709 -22.88 0.89 7.11
CA CYS A 709 -22.60 0.38 8.44
C CYS A 709 -23.15 1.32 9.51
N ASN A 710 -23.68 0.75 10.59
CA ASN A 710 -24.13 1.53 11.73
C ASN A 710 -23.06 1.67 12.80
N LEU A 711 -21.88 1.09 12.59
CA LEU A 711 -20.81 1.16 13.58
C LEU A 711 -19.47 1.09 12.86
N VAL A 712 -18.57 2.01 13.22
CA VAL A 712 -17.19 2.03 12.73
C VAL A 712 -16.27 2.09 13.94
N ILE A 713 -15.28 1.20 13.98
CA ILE A 713 -14.35 1.12 15.08
C ILE A 713 -12.93 1.21 14.52
N LEU A 714 -12.13 2.11 15.08
CA LEU A 714 -10.73 2.28 14.69
C LEU A 714 -9.83 1.71 15.78
N TYR A 715 -9.02 0.72 15.41
CA TYR A 715 -8.12 0.03 16.34
C TYR A 715 -6.71 0.56 16.08
N GLU A 716 -6.33 1.59 16.84
CA GLU A 716 -5.04 2.27 16.67
C GLU A 716 -4.85 2.72 15.22
N TYR A 717 -5.90 3.27 14.63
CA TYR A 717 -5.96 3.53 13.19
C TYR A 717 -6.18 5.02 12.96
N VAL A 718 -5.10 5.77 12.77
CA VAL A 718 -5.16 7.20 12.47
C VAL A 718 -4.14 7.53 11.39
N GLY A 719 -4.56 8.30 10.40
CA GLY A 719 -3.67 8.75 9.33
C GLY A 719 -3.70 10.25 9.14
N ASN A 720 -4.00 10.70 7.92
CA ASN A 720 -4.11 12.12 7.61
C ASN A 720 -5.58 12.51 7.51
N VAL A 721 -5.83 13.78 7.14
CA VAL A 721 -7.19 14.29 7.12
C VAL A 721 -8.03 13.62 6.05
N ILE A 722 -7.41 13.28 4.91
CA ILE A 722 -8.14 12.58 3.85
C ILE A 722 -8.61 11.21 4.32
N LYS A 723 -7.72 10.46 5.00
CA LYS A 723 -8.11 9.17 5.54
C LYS A 723 -9.18 9.31 6.63
N MET A 724 -9.08 10.37 7.43
CA MET A 724 -10.11 10.62 8.46
C MET A 724 -11.46 10.85 7.82
N ILE A 725 -11.52 11.64 6.74
CA ILE A 725 -12.79 11.88 6.07
C ILE A 725 -13.30 10.62 5.40
N GLN A 726 -12.39 9.83 4.80
CA GLN A 726 -12.80 8.63 4.08
C GLN A 726 -13.35 7.57 5.02
N THR A 727 -12.67 7.32 6.14
CA THR A 727 -13.10 6.29 7.06
C THR A 727 -14.44 6.63 7.69
N ARG A 728 -14.63 7.89 8.10
CA ARG A 728 -15.88 8.30 8.72
C ARG A 728 -17.05 8.25 7.76
N GLY A 729 -16.80 8.31 6.46
CA GLY A 729 -17.86 8.31 5.47
C GLY A 729 -18.46 6.96 5.17
N ARG A 730 -17.97 5.89 5.77
CA ARG A 730 -18.56 4.57 5.59
C ARG A 730 -19.78 4.32 6.44
N GLY A 731 -19.91 5.01 7.58
CA GLY A 731 -21.09 4.91 8.40
C GLY A 731 -22.14 5.95 8.05
N ARG A 732 -22.77 5.78 6.90
CA ARG A 732 -23.75 6.75 6.40
C ARG A 732 -25.17 6.48 6.88
N ALA A 733 -25.40 5.37 7.59
CA ALA A 733 -26.73 5.10 8.13
C ALA A 733 -27.09 6.12 9.20
N ARG A 734 -28.38 6.43 9.31
CA ARG A 734 -28.83 7.40 10.29
C ARG A 734 -28.60 6.87 11.70
N GLY A 735 -28.01 7.72 12.55
CA GLY A 735 -27.69 7.31 13.90
C GLY A 735 -26.39 6.55 14.04
N SER A 736 -25.49 6.67 13.06
CA SER A 736 -24.22 5.95 13.10
C SER A 736 -23.27 6.58 14.12
N LYS A 737 -22.34 5.77 14.62
CA LYS A 737 -21.32 6.21 15.55
C LYS A 737 -19.96 5.71 15.10
N CYS A 738 -18.92 6.50 15.39
CA CYS A 738 -17.54 6.15 15.07
C CYS A 738 -16.71 6.23 16.33
N PHE A 739 -15.94 5.17 16.61
CA PHE A 739 -15.14 5.07 17.82
C PHE A 739 -13.66 4.95 17.46
N LEU A 740 -12.81 5.62 18.24
CA LEU A 740 -11.37 5.48 18.15
C LEU A 740 -10.86 4.84 19.43
N LEU A 741 -10.13 3.74 19.31
CA LEU A 741 -9.64 2.96 20.44
C LEU A 741 -8.11 2.95 20.39
N THR A 742 -7.48 3.42 21.46
CA THR A 742 -6.03 3.48 21.53
C THR A 742 -5.59 3.55 22.98
N SER A 743 -4.31 3.24 23.22
CA SER A 743 -3.69 3.37 24.53
C SER A 743 -2.57 4.40 24.53
N ASN A 744 -2.49 5.23 23.49
CA ASN A 744 -1.46 6.24 23.35
C ASN A 744 -2.11 7.60 23.17
N ALA A 745 -1.67 8.60 23.93
CA ALA A 745 -2.28 9.92 23.87
C ALA A 745 -1.92 10.67 22.60
N GLY A 746 -0.77 10.36 22.01
CA GLY A 746 -0.38 11.01 20.77
C GLY A 746 -1.34 10.73 19.62
N VAL A 747 -1.92 9.53 19.60
CA VAL A 747 -2.89 9.19 18.56
C VAL A 747 -4.13 10.06 18.67
N ILE A 748 -4.65 10.24 19.89
CA ILE A 748 -5.81 11.09 20.09
C ILE A 748 -5.48 12.54 19.75
N GLU A 749 -4.28 13.00 20.13
CA GLU A 749 -3.88 14.35 19.78
C GLU A 749 -3.82 14.54 18.27
N LYS A 750 -3.27 13.56 17.55
CA LYS A 750 -3.18 13.66 16.10
C LYS A 750 -4.57 13.67 15.46
N GLU A 751 -5.49 12.88 16.00
CA GLU A 751 -6.86 12.89 15.47
C GLU A 751 -7.52 14.26 15.70
N GLN A 752 -7.28 14.87 16.86
CA GLN A 752 -7.81 16.20 17.10
C GLN A 752 -7.22 17.24 16.15
N ILE A 753 -5.91 17.12 15.88
CA ILE A 753 -5.29 18.00 14.89
C ILE A 753 -5.91 17.80 13.51
N ASN A 754 -6.25 16.55 13.17
CA ASN A 754 -6.94 16.28 11.91
C ASN A 754 -8.30 16.97 11.87
N MET A 755 -9.04 16.90 12.98
CA MET A 755 -10.35 17.54 13.04
C MET A 755 -10.25 19.05 12.90
N TYR A 756 -9.16 19.65 13.41
CA TYR A 756 -8.95 21.08 13.23
C TYR A 756 -8.52 21.41 11.80
N LYS A 757 -7.71 20.54 11.19
CA LYS A 757 -7.27 20.75 9.81
C LYS A 757 -8.43 20.68 8.84
N GLU A 758 -9.43 19.84 9.12
CA GLU A 758 -10.61 19.80 8.26
C GLU A 758 -11.35 21.13 8.27
N LYS A 759 -11.49 21.74 9.45
CA LYS A 759 -12.13 23.05 9.55
C LYS A 759 -11.32 24.10 8.81
N MET A 760 -9.99 24.03 8.93
CA MET A 760 -9.13 24.93 8.15
C MET A 760 -9.37 24.78 6.66
N MET A 761 -9.46 23.53 6.18
CA MET A 761 -9.67 23.29 4.75
C MET A 761 -11.02 23.83 4.28
N ASN A 762 -12.06 23.63 5.09
CA ASN A 762 -13.37 24.17 4.73
C ASN A 762 -13.35 25.69 4.67
N ASP A 763 -12.67 26.33 5.63
CA ASP A 763 -12.55 27.78 5.59
C ASP A 763 -11.81 28.25 4.34
N SER A 764 -10.72 27.56 3.98
CA SER A 764 -9.98 27.94 2.79
C SER A 764 -10.81 27.77 1.53
N ILE A 765 -11.60 26.71 1.45
CA ILE A 765 -12.45 26.49 0.29
C ILE A 765 -13.51 27.60 0.20
N LEU A 766 -14.12 27.94 1.33
CA LEU A 766 -15.15 28.97 1.33
C LEU A 766 -14.56 30.33 0.93
N ARG A 767 -13.34 30.63 1.39
CA ARG A 767 -12.71 31.89 1.02
C ARG A 767 -12.35 31.92 -0.46
N LEU A 768 -11.95 30.79 -1.02
CA LEU A 768 -11.51 30.74 -2.41
C LEU A 768 -12.63 31.07 -3.38
N GLN A 769 -13.87 30.72 -3.03
CA GLN A 769 -14.99 30.88 -3.95
C GLN A 769 -15.45 32.32 -4.11
N THR A 770 -14.96 33.25 -3.29
CA THR A 770 -15.40 34.64 -3.36
C THR A 770 -14.51 35.52 -4.22
N TRP A 771 -13.45 34.96 -4.81
CA TRP A 771 -12.56 35.75 -5.65
C TRP A 771 -13.16 35.91 -7.05
N ASP A 772 -12.64 36.91 -7.77
CA ASP A 772 -12.94 37.05 -9.18
C ASP A 772 -12.20 35.97 -9.97
N GLU A 773 -12.86 35.47 -11.02
CA GLU A 773 -12.31 34.32 -11.75
C GLU A 773 -11.03 34.68 -12.50
N ALA A 774 -10.90 35.93 -12.95
CA ALA A 774 -9.68 36.34 -13.64
C ALA A 774 -8.46 36.31 -12.73
N VAL A 775 -8.63 36.76 -11.47
CA VAL A 775 -7.53 36.72 -10.52
C VAL A 775 -7.13 35.28 -10.24
N PHE A 776 -8.11 34.38 -10.08
CA PHE A 776 -7.82 32.97 -9.89
C PHE A 776 -7.07 32.40 -11.07
N ARG A 777 -7.48 32.75 -12.28
CA ARG A 777 -6.78 32.27 -13.48
C ARG A 777 -5.35 32.76 -13.52
N GLU A 778 -5.12 34.03 -13.18
CA GLU A 778 -3.75 34.56 -13.18
C GLU A 778 -2.88 33.85 -12.16
N LYS A 779 -3.41 33.64 -10.95
CA LYS A 779 -2.64 32.94 -9.92
C LYS A 779 -2.32 31.51 -10.33
N ILE A 780 -3.30 30.81 -10.90
CA ILE A 780 -3.10 29.44 -11.36
C ILE A 780 -2.05 29.39 -12.46
N LEU A 781 -2.11 30.34 -13.40
CA LEU A 781 -1.13 30.37 -14.48
C LEU A 781 0.28 30.62 -13.95
N HIS A 782 0.42 31.52 -12.98
CA HIS A 782 1.74 31.75 -12.39
C HIS A 782 2.28 30.50 -11.70
N ILE A 783 1.43 29.82 -10.94
CA ILE A 783 1.86 28.60 -10.26
C ILE A 783 2.27 27.54 -11.28
N GLN A 784 1.48 27.38 -12.35
CA GLN A 784 1.80 26.39 -13.37
C GLN A 784 3.12 26.71 -14.06
N THR A 785 3.37 27.99 -14.37
CA THR A 785 4.62 28.37 -15.01
C THR A 785 5.80 28.06 -14.11
N HIS A 786 5.71 28.40 -12.82
CA HIS A 786 6.81 28.11 -11.91
C HIS A 786 7.06 26.61 -11.80
N GLU A 787 6.00 25.82 -11.66
CA GLU A 787 6.17 24.38 -11.53
C GLU A 787 6.76 23.76 -12.80
N LYS A 788 6.32 24.24 -13.97
CA LYS A 788 6.87 23.73 -15.21
C LYS A 788 8.36 24.05 -15.33
N PHE A 789 8.75 25.27 -14.94
CA PHE A 789 10.17 25.62 -14.98
C PHE A 789 10.98 24.72 -14.05
N ILE A 790 10.47 24.48 -12.84
CA ILE A 790 11.18 23.65 -11.87
C ILE A 790 11.35 22.23 -12.41
N ARG A 791 10.26 21.66 -12.95
CA ARG A 791 10.32 20.28 -13.42
C ARG A 791 11.14 20.15 -14.71
N ASP A 792 11.22 21.22 -15.51
CA ASP A 792 12.10 21.21 -16.65
C ASP A 792 13.56 21.27 -16.23
N SER A 793 13.85 21.98 -15.14
CA SER A 793 15.22 22.07 -14.65
C SER A 793 15.64 20.87 -13.80
N GLN A 794 14.69 20.06 -13.34
CA GLN A 794 15.01 18.97 -12.41
C GLN A 794 15.64 17.74 -13.06
N GLU A 795 15.55 17.60 -14.38
CA GLU A 795 15.96 16.36 -15.03
C GLU A 795 17.45 16.09 -14.86
N LYS A 796 17.79 14.83 -14.62
CA LYS A 796 19.15 14.38 -14.34
C LYS A 796 19.49 13.16 -15.18
N PRO A 797 20.79 12.96 -15.47
CA PRO A 797 21.21 11.81 -16.28
C PRO A 797 21.37 10.52 -15.49
N LYS A 798 21.89 9.47 -16.15
CA LYS A 798 22.04 8.14 -15.58
C LYS A 798 23.51 7.74 -15.61
N PRO A 799 24.05 7.16 -14.52
CA PRO A 799 25.47 6.79 -14.50
C PRO A 799 25.78 5.56 -15.35
N VAL A 800 27.04 5.11 -15.28
CA VAL A 800 27.55 4.04 -16.12
C VAL A 800 27.79 2.81 -15.24
N PRO A 801 27.38 1.61 -15.68
CA PRO A 801 27.67 0.41 -14.89
C PRO A 801 29.14 0.04 -14.93
N ASP A 802 29.53 -0.84 -14.01
CA ASP A 802 30.91 -1.28 -13.87
C ASP A 802 31.09 -2.65 -14.51
N LYS A 803 32.12 -2.78 -15.34
CA LYS A 803 32.36 -4.00 -16.09
C LYS A 803 33.31 -4.98 -15.39
N GLU A 804 33.81 -4.64 -14.21
CA GLU A 804 34.69 -5.55 -13.50
C GLU A 804 33.92 -6.76 -12.96
N ASN A 805 34.60 -7.90 -12.92
CA ASN A 805 33.98 -9.12 -12.43
C ASN A 805 33.83 -9.05 -10.91
N LYS A 806 32.83 -9.78 -10.41
CA LYS A 806 32.50 -9.77 -8.99
C LYS A 806 32.07 -11.17 -8.56
N LYS A 807 32.13 -11.41 -7.26
CA LYS A 807 31.74 -12.69 -6.68
C LYS A 807 30.47 -12.54 -5.85
N LEU A 808 29.60 -13.54 -5.95
CA LEU A 808 28.38 -13.61 -5.14
C LEU A 808 28.56 -14.67 -4.07
N LEU A 809 28.38 -14.28 -2.82
CA LEU A 809 28.58 -15.18 -1.69
C LEU A 809 27.30 -15.30 -0.88
N CYS A 810 27.10 -16.49 -0.31
CA CYS A 810 25.92 -16.74 0.52
C CYS A 810 25.87 -15.75 1.68
N ARG A 811 24.70 -15.15 1.89
CA ARG A 811 24.58 -14.12 2.91
C ARG A 811 24.66 -14.69 4.32
N LYS A 812 24.44 -16.00 4.47
CA LYS A 812 24.43 -16.61 5.80
C LYS A 812 25.77 -17.23 6.16
N CYS A 813 26.45 -17.89 5.22
CA CYS A 813 27.67 -18.63 5.51
C CYS A 813 28.88 -18.16 4.72
N LYS A 814 28.72 -17.19 3.82
CA LYS A 814 29.82 -16.58 3.07
C LYS A 814 30.46 -17.55 2.08
N ALA A 815 29.77 -18.62 1.71
CA ALA A 815 30.30 -19.54 0.72
C ALA A 815 30.12 -18.99 -0.69
N LEU A 816 31.09 -19.26 -1.55
CA LEU A 816 31.04 -18.78 -2.92
C LEU A 816 29.93 -19.47 -3.70
N ALA A 817 29.14 -18.69 -4.43
CA ALA A 817 28.04 -19.22 -5.23
C ALA A 817 28.35 -19.21 -6.72
N CYS A 818 28.70 -18.06 -7.27
CA CYS A 818 29.00 -17.93 -8.70
C CYS A 818 29.67 -16.58 -8.92
N TYR A 819 30.02 -16.31 -10.17
CA TYR A 819 30.58 -15.04 -10.60
C TYR A 819 29.55 -14.30 -11.44
N THR A 820 29.75 -12.99 -11.57
CA THR A 820 28.87 -12.17 -12.41
C THR A 820 29.05 -12.48 -13.89
N ALA A 821 30.12 -13.18 -14.26
CA ALA A 821 30.31 -13.59 -15.65
C ALA A 821 29.40 -14.74 -16.05
N ASP A 822 28.79 -15.44 -15.10
CA ASP A 822 27.89 -16.54 -15.36
C ASP A 822 26.42 -16.13 -15.38
N VAL A 823 26.12 -14.85 -15.20
CA VAL A 823 24.76 -14.38 -15.02
C VAL A 823 24.18 -13.98 -16.37
N ARG A 824 23.00 -14.49 -16.69
CA ARG A 824 22.31 -14.18 -17.92
C ARG A 824 20.90 -13.66 -17.59
N VAL A 825 20.42 -12.75 -18.42
CA VAL A 825 19.13 -12.09 -18.20
C VAL A 825 18.15 -12.57 -19.26
N ILE A 826 16.98 -13.02 -18.81
CA ILE A 826 15.93 -13.50 -19.69
C ILE A 826 14.85 -12.43 -19.78
N GLU A 827 14.65 -11.89 -20.98
CA GLU A 827 13.64 -10.86 -21.25
C GLU A 827 13.79 -9.66 -20.34
N GLU A 828 15.03 -9.35 -19.95
CA GLU A 828 15.41 -8.19 -19.15
C GLU A 828 14.75 -8.17 -17.77
N CYS A 829 14.13 -9.26 -17.33
CA CYS A 829 13.54 -9.28 -16.00
C CYS A 829 13.76 -10.58 -15.23
N HIS A 830 14.40 -11.59 -15.82
CA HIS A 830 14.71 -12.84 -15.13
C HIS A 830 16.22 -13.04 -15.13
N TYR A 831 16.76 -13.38 -13.96
CA TYR A 831 18.21 -13.54 -13.78
C TYR A 831 18.53 -14.99 -13.49
N THR A 832 19.41 -15.58 -14.31
CA THR A 832 19.76 -16.98 -14.20
C THR A 832 21.28 -17.14 -14.30
N VAL A 833 21.77 -18.27 -13.80
CA VAL A 833 23.19 -18.59 -13.78
C VAL A 833 23.41 -19.80 -14.69
N LEU A 834 24.39 -19.70 -15.58
CA LEU A 834 24.69 -20.75 -16.55
C LEU A 834 26.02 -21.40 -16.19
N GLY A 835 26.03 -22.72 -16.18
CA GLY A 835 27.24 -23.49 -15.91
C GLY A 835 26.97 -24.71 -15.05
N ASP A 836 27.82 -25.72 -15.19
CA ASP A 836 27.69 -26.93 -14.39
C ASP A 836 28.32 -26.81 -13.01
N ALA A 837 29.19 -25.82 -12.81
CA ALA A 837 29.77 -25.60 -11.49
C ALA A 837 28.73 -25.10 -10.49
N PHE A 838 27.83 -24.22 -10.95
CA PHE A 838 26.82 -23.69 -10.05
C PHE A 838 25.83 -24.76 -9.60
N LYS A 839 25.63 -25.80 -10.42
CA LYS A 839 24.69 -26.86 -10.05
C LYS A 839 25.13 -27.62 -8.82
N GLU A 840 26.44 -27.62 -8.52
CA GLU A 840 26.95 -28.29 -7.33
C GLU A 840 26.85 -27.44 -6.08
N CYS A 841 26.59 -26.14 -6.21
CA CYS A 841 26.54 -25.22 -5.08
C CYS A 841 25.17 -25.10 -4.44
N PHE A 842 24.13 -25.69 -5.06
CA PHE A 842 22.78 -25.58 -4.51
C PHE A 842 22.10 -26.94 -4.59
N VAL A 843 21.04 -27.08 -3.79
CA VAL A 843 20.16 -28.25 -3.83
C VAL A 843 18.73 -27.77 -4.00
N SER A 844 17.88 -28.67 -4.49
CA SER A 844 16.49 -28.38 -4.76
C SER A 844 15.61 -29.13 -3.77
N ARG A 845 14.67 -28.41 -3.15
CA ARG A 845 13.73 -29.01 -2.21
C ARG A 845 12.33 -28.55 -2.59
N PRO A 846 11.41 -29.47 -2.94
CA PRO A 846 10.04 -29.12 -3.32
C PRO A 846 9.21 -28.62 -2.15
N LYS A 858 3.50 -25.14 -6.19
CA LYS A 858 4.38 -24.44 -7.11
C LYS A 858 5.58 -25.31 -7.48
N ARG A 859 6.66 -24.65 -7.94
CA ARG A 859 7.86 -25.37 -8.29
C ARG A 859 8.87 -25.35 -7.15
N ALA A 860 9.91 -26.17 -7.29
CA ALA A 860 10.89 -26.35 -6.22
C ALA A 860 11.76 -25.11 -6.07
N LYS A 861 12.09 -24.80 -4.81
CA LYS A 861 13.02 -23.73 -4.49
C LYS A 861 14.45 -24.28 -4.43
N ILE A 862 15.41 -23.36 -4.41
CA ILE A 862 16.83 -23.71 -4.34
C ILE A 862 17.43 -23.11 -3.08
N PHE A 863 18.30 -23.88 -2.44
CA PHE A 863 18.91 -23.50 -1.16
C PHE A 863 20.42 -23.70 -1.24
N CYS A 864 21.11 -23.22 -0.22
CA CYS A 864 22.55 -23.39 -0.13
C CYS A 864 22.88 -24.86 0.12
N ALA A 865 23.84 -25.39 -0.66
CA ALA A 865 24.17 -26.81 -0.56
C ALA A 865 24.99 -27.10 0.70
N ARG A 866 25.65 -26.10 1.26
CA ARG A 866 26.45 -26.32 2.46
C ARG A 866 25.56 -26.80 3.60
N GLN A 867 26.01 -27.83 4.30
CA GLN A 867 25.21 -28.43 5.36
C GLN A 867 25.08 -27.46 6.53
N ASN A 868 23.89 -27.48 7.15
CA ASN A 868 23.53 -26.67 8.32
C ASN A 868 23.34 -25.19 8.00
N CYS A 869 23.45 -24.79 6.72
CA CYS A 869 23.13 -23.43 6.33
C CYS A 869 21.76 -23.32 5.69
N SER A 870 21.56 -24.00 4.56
CA SER A 870 20.26 -24.07 3.87
C SER A 870 19.61 -22.70 3.69
N HIS A 871 20.38 -21.74 3.20
CA HIS A 871 19.88 -20.38 2.97
C HIS A 871 19.13 -20.34 1.64
N ASP A 872 18.00 -19.64 1.63
CA ASP A 872 17.18 -19.54 0.43
C ASP A 872 17.87 -18.69 -0.63
N TRP A 873 17.89 -19.20 -1.87
CA TRP A 873 18.56 -18.52 -2.97
C TRP A 873 17.64 -18.16 -4.13
N GLY A 874 16.57 -18.92 -4.37
CA GLY A 874 15.73 -18.66 -5.52
C GLY A 874 14.71 -19.76 -5.75
N ILE A 875 14.36 -19.94 -7.03
CA ILE A 875 13.28 -20.87 -7.41
C ILE A 875 13.50 -21.30 -8.86
N HIS A 876 12.87 -22.42 -9.22
CA HIS A 876 12.89 -22.94 -10.58
C HIS A 876 11.71 -22.38 -11.36
N VAL A 877 11.95 -21.97 -12.60
CA VAL A 877 10.90 -21.46 -13.48
C VAL A 877 11.02 -22.14 -14.84
N LYS A 878 9.96 -22.01 -15.63
CA LYS A 878 9.89 -22.59 -16.97
C LYS A 878 9.94 -21.48 -18.01
N TYR A 879 10.82 -21.64 -18.99
CA TYR A 879 10.97 -20.68 -20.08
C TYR A 879 11.14 -21.46 -21.37
N LYS A 880 10.13 -21.38 -22.26
CA LYS A 880 10.09 -22.13 -23.51
C LYS A 880 10.20 -23.62 -23.17
N THR A 881 11.26 -24.31 -23.59
CA THR A 881 11.48 -25.70 -23.24
C THR A 881 12.32 -25.86 -21.98
N PHE A 882 13.30 -24.98 -21.77
CA PHE A 882 14.25 -25.09 -20.69
C PHE A 882 13.59 -24.86 -19.34
N GLU A 883 14.05 -25.59 -18.33
CA GLU A 883 13.67 -25.39 -16.93
C GLU A 883 14.92 -24.96 -16.19
N ILE A 884 15.00 -23.69 -15.82
CA ILE A 884 16.22 -23.13 -15.24
C ILE A 884 15.91 -22.40 -13.94
N PRO A 885 16.87 -22.26 -13.03
CA PRO A 885 16.62 -21.53 -11.78
C PRO A 885 16.94 -20.04 -11.89
N VAL A 886 16.27 -19.27 -11.04
CA VAL A 886 16.45 -17.83 -10.98
C VAL A 886 16.85 -17.45 -9.55
N ILE A 887 17.73 -16.47 -9.43
CA ILE A 887 18.30 -16.09 -8.15
C ILE A 887 17.84 -14.68 -7.77
N LYS A 888 17.90 -14.40 -6.47
CA LYS A 888 17.54 -13.10 -5.92
C LYS A 888 18.79 -12.41 -5.40
N ILE A 889 18.98 -11.14 -5.77
CA ILE A 889 20.17 -10.41 -5.37
C ILE A 889 20.20 -10.20 -3.86
N GLU A 890 19.04 -10.14 -3.20
CA GLU A 890 18.98 -9.91 -1.77
C GLU A 890 19.35 -11.12 -0.95
N SER A 891 19.86 -12.19 -1.58
CA SER A 891 20.32 -13.38 -0.87
C SER A 891 21.83 -13.52 -0.86
N PHE A 892 22.57 -12.56 -1.44
CA PHE A 892 24.00 -12.69 -1.63
C PHE A 892 24.71 -11.42 -1.20
N VAL A 893 26.00 -11.59 -0.87
CA VAL A 893 26.91 -10.48 -0.61
C VAL A 893 27.81 -10.33 -1.83
N VAL A 894 27.95 -9.11 -2.32
CA VAL A 894 28.74 -8.83 -3.51
C VAL A 894 30.14 -8.39 -3.08
N GLU A 895 31.15 -9.12 -3.55
CA GLU A 895 32.54 -8.85 -3.21
C GLU A 895 33.33 -8.60 -4.48
N ASP A 896 34.18 -7.56 -4.46
CA ASP A 896 35.00 -7.26 -5.61
C ASP A 896 36.26 -8.12 -5.61
N ILE A 897 36.71 -8.49 -6.81
CA ILE A 897 37.86 -9.38 -6.92
C ILE A 897 39.14 -8.67 -6.51
N ALA A 898 39.34 -7.44 -6.99
CA ALA A 898 40.59 -6.74 -6.76
C ALA A 898 40.63 -6.07 -5.38
N THR A 899 39.71 -5.13 -5.15
CA THR A 899 39.73 -4.38 -3.89
C THR A 899 39.33 -5.25 -2.71
N GLY A 900 38.37 -6.15 -2.89
CA GLY A 900 37.92 -7.01 -1.82
C GLY A 900 36.82 -6.44 -0.95
N VAL A 901 36.31 -5.25 -1.26
CA VAL A 901 35.24 -4.65 -0.46
C VAL A 901 33.92 -5.35 -0.76
N GLN A 902 33.13 -5.58 0.29
CA GLN A 902 31.85 -6.26 0.18
C GLN A 902 30.71 -5.26 0.30
N THR A 903 29.64 -5.50 -0.45
CA THR A 903 28.51 -4.58 -0.53
C THR A 903 27.21 -5.37 -0.51
N LEU A 904 26.12 -4.68 -0.14
CA LEU A 904 24.78 -5.26 -0.11
C LEU A 904 23.87 -4.47 -1.03
N TYR A 905 22.97 -5.19 -1.72
CA TYR A 905 21.96 -4.58 -2.58
C TYR A 905 20.61 -5.23 -2.29
N SER A 906 19.54 -4.45 -2.42
CA SER A 906 18.19 -4.95 -2.17
C SER A 906 17.41 -5.23 -3.45
N LYS A 907 17.75 -4.58 -4.56
CA LYS A 907 17.09 -4.79 -5.83
C LYS A 907 18.13 -4.93 -6.93
N TRP A 908 17.74 -5.61 -8.01
CA TRP A 908 18.65 -5.85 -9.13
C TRP A 908 19.01 -4.58 -9.87
N LYS A 909 18.21 -3.52 -9.77
CA LYS A 909 18.52 -2.28 -10.47
C LYS A 909 19.55 -1.44 -9.74
N ASP A 910 19.79 -1.71 -8.45
CA ASP A 910 20.85 -1.02 -7.73
C ASP A 910 22.22 -1.57 -8.09
N PHE A 911 22.31 -2.87 -8.40
CA PHE A 911 23.57 -3.51 -8.75
C PHE A 911 23.88 -3.22 -10.22
N HIS A 912 24.94 -2.44 -10.46
CA HIS A 912 25.30 -2.01 -11.81
C HIS A 912 26.46 -2.88 -12.29
N PHE A 913 26.15 -3.82 -13.18
CA PHE A 913 27.17 -4.66 -13.81
C PHE A 913 26.70 -5.01 -15.21
N GLU A 914 27.65 -5.46 -16.03
CA GLU A 914 27.34 -5.80 -17.42
C GLU A 914 26.37 -6.97 -17.47
N LYS A 915 25.20 -6.73 -18.06
CA LYS A 915 24.13 -7.73 -18.15
C LYS A 915 24.12 -8.29 -19.57
N ILE A 916 24.44 -9.58 -19.69
CA ILE A 916 24.49 -10.26 -20.98
C ILE A 916 23.18 -11.00 -21.18
N PRO A 917 22.45 -10.76 -22.26
CA PRO A 917 21.15 -11.43 -22.46
C PRO A 917 21.31 -12.94 -22.60
N PHE A 918 20.28 -13.65 -22.15
CA PHE A 918 20.26 -15.11 -22.26
C PHE A 918 20.22 -15.55 -23.71
N ASP A 919 21.00 -16.59 -24.03
CA ASP A 919 21.08 -17.13 -25.38
C ASP A 919 20.75 -18.61 -25.34
N PRO A 920 19.67 -19.07 -26.00
CA PRO A 920 19.33 -20.49 -25.93
C PRO A 920 20.41 -21.41 -26.48
N ALA A 921 21.16 -20.98 -27.49
CA ALA A 921 22.21 -21.80 -28.06
C ALA A 921 23.52 -21.73 -27.30
N GLU A 922 23.63 -20.84 -26.30
CA GLU A 922 24.85 -20.71 -25.53
C GLU A 922 25.05 -21.85 -24.54
N MET A 923 23.98 -22.56 -24.18
CA MET A 923 24.06 -23.61 -23.16
C MET A 923 24.73 -24.86 -23.73
N SER A 924 25.97 -24.68 -24.19
CA SER A 924 26.78 -25.78 -24.69
C SER A 924 28.23 -25.75 -24.20
N LYS A 925 28.75 -24.61 -23.76
CA LYS A 925 30.13 -24.52 -23.30
C LYS A 925 30.29 -25.11 -21.91
ZN ZN C . 25.15 -20.77 2.77
#